data_3DRB
#
_entry.id   3DRB
#
_cell.length_a   97.720
_cell.length_b   97.720
_cell.length_c   166.910
_cell.angle_alpha   90.000
_cell.angle_beta   90.000
_cell.angle_gamma   90.000
#
_symmetry.space_group_name_H-M   'P 43 21 2'
#
loop_
_entity.id
_entity.type
_entity.pdbx_description
1 polymer 'Creatine kinase B-type'
2 non-polymer 'MAGNESIUM ION'
3 non-polymer "ADENOSINE-5'-DIPHOSPHATE"
4 water water
#
_entity_poly.entity_id   1
_entity_poly.type   'polypeptide(L)'
_entity_poly.pdbx_seq_one_letter_code
;MPFSNSHNALKLRFPAEDEFPDLSAHNNHMAKVLTPELYAELRAKSTPSGFTLDDVIQTGVDNPGHPYIMTVGCVAGDEE
SYEVFKDLFDPIIEDRHGGYKPSDEHKTDLNPDNLQGGDDLDPNYVLSSRVRTGRSIRGFCLPPHCSRGERRAIEKLAVE
ALSSLDGDLAGRYYALKSMTEAEQQQLIDDHFLFDKPVSPLLLASGMARDWPDARGIWHNDNKTFLVWVNEEDHLRVISM
QKGGNMKEVFTRFCTGLTQIETLFKSKDYEFMWNPHLGYILTCPSNLGTGLRAGVHIKLPNLGKHEKFSEVLKRLRLQKR
GTGGVDTAAVGGVFDVSNADRLGFSEVELVQMVVDGVKLLIEMEQRLEQGQAIDDLMPAQK
;
_entity_poly.pdbx_strand_id   A,B
#
loop_
_chem_comp.id
_chem_comp.type
_chem_comp.name
_chem_comp.formula
ADP non-polymer ADENOSINE-5'-DIPHOSPHATE 'C10 H15 N5 O10 P2'
MG non-polymer 'MAGNESIUM ION' 'Mg 2'
#
# COMPACT_ATOMS: atom_id res chain seq x y z
N SER A 6 -40.39 12.12 -8.14
CA SER A 6 -41.03 11.39 -9.28
C SER A 6 -40.49 9.97 -9.31
N HIS A 7 -39.18 9.84 -9.46
CA HIS A 7 -38.57 8.52 -9.46
C HIS A 7 -38.71 7.99 -8.03
N ASN A 8 -38.58 8.89 -7.06
CA ASN A 8 -38.70 8.52 -5.66
C ASN A 8 -40.13 8.05 -5.40
N ALA A 9 -41.09 8.64 -6.12
CA ALA A 9 -42.49 8.26 -5.98
C ALA A 9 -42.65 6.80 -6.40
N LEU A 10 -41.91 6.41 -7.45
CA LEU A 10 -41.96 5.04 -7.94
C LEU A 10 -41.49 4.08 -6.85
N LYS A 11 -40.36 4.39 -6.24
CA LYS A 11 -39.78 3.57 -5.18
C LYS A 11 -40.71 3.48 -3.96
N LEU A 12 -41.44 4.55 -3.69
CA LEU A 12 -42.36 4.59 -2.56
C LEU A 12 -43.51 3.60 -2.74
N ARG A 13 -43.70 3.12 -3.97
CA ARG A 13 -44.76 2.15 -4.23
C ARG A 13 -44.33 0.75 -3.79
N PHE A 14 -43.04 0.58 -3.53
CA PHE A 14 -42.52 -0.71 -3.06
C PHE A 14 -42.46 -0.64 -1.53
N PRO A 15 -42.66 -1.78 -0.85
CA PRO A 15 -42.59 -1.74 0.61
C PRO A 15 -41.16 -1.29 0.95
N ALA A 16 -40.97 -0.59 2.06
CA ALA A 16 -39.64 -0.13 2.44
C ALA A 16 -38.60 -1.26 2.45
N GLU A 17 -38.99 -2.44 2.95
CA GLU A 17 -38.05 -3.54 3.02
C GLU A 17 -37.61 -4.07 1.65
N ASP A 18 -38.35 -3.70 0.60
CA ASP A 18 -37.99 -4.13 -0.75
C ASP A 18 -36.92 -3.20 -1.34
N GLU A 19 -36.87 -1.97 -0.84
CA GLU A 19 -35.90 -0.99 -1.31
C GLU A 19 -34.71 -0.88 -0.35
N PHE A 20 -34.87 -1.40 0.86
CA PHE A 20 -33.81 -1.35 1.87
C PHE A 20 -32.52 -2.01 1.39
N PRO A 21 -31.40 -1.27 1.44
CA PRO A 21 -30.14 -1.85 0.98
C PRO A 21 -29.65 -3.01 1.86
N ASP A 22 -28.96 -3.95 1.23
CA ASP A 22 -28.40 -5.11 1.93
C ASP A 22 -27.02 -4.69 2.43
N LEU A 23 -26.92 -4.36 3.70
CA LEU A 23 -25.66 -3.91 4.28
C LEU A 23 -25.10 -4.95 5.23
N SER A 24 -25.45 -6.21 5.00
CA SER A 24 -25.01 -7.31 5.84
C SER A 24 -23.49 -7.41 5.99
N ALA A 25 -22.77 -7.18 4.89
CA ALA A 25 -21.31 -7.26 4.95
C ALA A 25 -20.63 -5.90 4.95
N HIS A 26 -21.37 -4.86 5.31
CA HIS A 26 -20.82 -3.52 5.32
C HIS A 26 -20.18 -3.09 6.64
N ASN A 27 -19.20 -2.22 6.52
CA ASN A 27 -18.47 -1.69 7.67
C ASN A 27 -18.24 -0.19 7.56
N ASN A 28 -19.32 0.58 7.43
CA ASN A 28 -19.18 2.02 7.38
C ASN A 28 -20.17 2.68 8.33
N HIS A 29 -19.93 3.94 8.66
CA HIS A 29 -20.81 4.64 9.58
C HIS A 29 -22.27 4.66 9.19
N MET A 30 -22.53 4.86 7.89
CA MET A 30 -23.91 4.88 7.39
C MET A 30 -24.60 3.55 7.67
N ALA A 31 -23.92 2.45 7.36
CA ALA A 31 -24.48 1.12 7.58
C ALA A 31 -24.81 0.88 9.05
N LYS A 32 -23.94 1.39 9.92
CA LYS A 32 -24.11 1.25 11.35
C LYS A 32 -25.39 1.90 11.88
N VAL A 33 -25.77 3.04 11.33
CA VAL A 33 -26.94 3.74 11.84
C VAL A 33 -28.23 3.55 11.04
N LEU A 34 -28.12 3.09 9.79
CA LEU A 34 -29.31 2.92 8.96
C LEU A 34 -30.10 1.64 9.24
N THR A 35 -31.03 1.73 10.17
CA THR A 35 -31.86 0.58 10.52
C THR A 35 -33.07 0.51 9.57
N PRO A 36 -33.75 -0.64 9.51
CA PRO A 36 -34.91 -0.75 8.63
C PRO A 36 -35.94 0.33 8.96
N GLU A 37 -36.05 0.66 10.25
CA GLU A 37 -37.00 1.68 10.70
C GLU A 37 -36.64 3.08 10.22
N LEU A 38 -35.37 3.48 10.39
CA LEU A 38 -34.95 4.81 9.97
C LEU A 38 -35.10 4.99 8.46
N TYR A 39 -34.81 3.93 7.70
CA TYR A 39 -34.92 3.99 6.25
C TYR A 39 -36.37 4.24 5.84
N ALA A 40 -37.30 3.51 6.46
CA ALA A 40 -38.71 3.66 6.15
C ALA A 40 -39.20 5.05 6.56
N GLU A 41 -38.63 5.58 7.64
CA GLU A 41 -39.03 6.91 8.13
C GLU A 41 -38.51 8.05 7.26
N LEU A 42 -37.34 7.88 6.66
CA LEU A 42 -36.74 8.95 5.87
C LEU A 42 -36.74 8.86 4.35
N ARG A 43 -37.02 7.68 3.80
CA ARG A 43 -36.97 7.50 2.36
C ARG A 43 -37.92 8.36 1.52
N ALA A 44 -38.97 8.89 2.14
CA ALA A 44 -39.94 9.71 1.42
C ALA A 44 -39.58 11.20 1.40
N LYS A 45 -38.58 11.60 2.20
CA LYS A 45 -38.19 13.00 2.24
C LYS A 45 -37.22 13.41 1.13
N SER A 46 -37.07 14.72 0.97
CA SER A 46 -36.14 15.25 -0.03
C SER A 46 -35.91 16.72 0.28
N THR A 47 -34.74 17.22 -0.11
CA THR A 47 -34.39 18.61 0.11
C THR A 47 -35.02 19.42 -1.01
N PRO A 48 -34.93 20.76 -0.94
CA PRO A 48 -35.50 21.62 -1.98
C PRO A 48 -34.91 21.35 -3.37
N SER A 49 -33.67 20.87 -3.41
CA SER A 49 -33.03 20.58 -4.69
C SER A 49 -33.37 19.18 -5.17
N GLY A 50 -34.11 18.45 -4.36
CA GLY A 50 -34.50 17.09 -4.73
C GLY A 50 -33.60 15.97 -4.24
N PHE A 51 -32.66 16.27 -3.34
CA PHE A 51 -31.76 15.24 -2.83
C PHE A 51 -32.49 14.32 -1.84
N THR A 52 -32.43 13.02 -2.08
CA THR A 52 -33.12 12.06 -1.21
C THR A 52 -32.19 11.22 -0.35
N LEU A 53 -32.78 10.41 0.53
CA LEU A 53 -31.99 9.54 1.40
C LEU A 53 -31.19 8.56 0.56
N ASP A 54 -31.80 8.03 -0.49
CA ASP A 54 -31.10 7.09 -1.36
C ASP A 54 -29.87 7.77 -1.96
N ASP A 55 -30.00 9.05 -2.30
CA ASP A 55 -28.86 9.80 -2.87
C ASP A 55 -27.76 9.96 -1.81
N VAL A 56 -28.18 10.25 -0.60
CA VAL A 56 -27.27 10.45 0.51
C VAL A 56 -26.42 9.21 0.83
N ILE A 57 -27.05 8.05 0.86
CA ILE A 57 -26.37 6.81 1.20
C ILE A 57 -25.79 5.97 0.06
N GLN A 58 -26.02 6.36 -1.18
CA GLN A 58 -25.53 5.53 -2.29
C GLN A 58 -24.07 5.09 -2.22
N THR A 59 -23.15 6.01 -1.96
CA THR A 59 -21.75 5.62 -1.90
C THR A 59 -21.50 4.61 -0.77
N GLY A 60 -22.23 4.74 0.33
CA GLY A 60 -22.08 3.82 1.45
C GLY A 60 -22.67 2.45 1.15
N VAL A 61 -23.59 2.39 0.19
CA VAL A 61 -24.18 1.10 -0.19
C VAL A 61 -23.21 0.41 -1.14
N ASP A 62 -22.65 1.20 -2.05
CA ASP A 62 -21.70 0.70 -3.05
C ASP A 62 -20.35 0.29 -2.46
N ASN A 63 -19.93 0.99 -1.41
CA ASN A 63 -18.63 0.71 -0.80
C ASN A 63 -18.77 0.22 0.64
N PRO A 64 -18.61 -1.10 0.85
CA PRO A 64 -18.72 -1.78 2.14
C PRO A 64 -17.73 -1.30 3.21
N GLY A 65 -16.63 -0.69 2.79
CA GLY A 65 -15.65 -0.22 3.75
C GLY A 65 -14.86 -1.38 4.32
N HIS A 66 -14.27 -1.21 5.49
CA HIS A 66 -13.48 -2.26 6.10
C HIS A 66 -13.68 -2.31 7.62
N PRO A 67 -13.72 -3.52 8.19
CA PRO A 67 -13.89 -3.68 9.64
C PRO A 67 -12.92 -2.77 10.40
N TYR A 68 -11.64 -2.98 10.12
CA TYR A 68 -10.55 -2.23 10.73
C TYR A 68 -10.65 -0.72 10.47
N ILE A 69 -10.93 -0.34 9.23
CA ILE A 69 -11.06 1.07 8.89
C ILE A 69 -12.47 1.36 8.38
N MET A 70 -13.27 1.98 9.22
CA MET A 70 -14.65 2.31 8.86
C MET A 70 -14.73 3.63 8.10
N THR A 71 -15.42 3.60 6.97
CA THR A 71 -15.60 4.79 6.15
C THR A 71 -16.92 5.45 6.57
N VAL A 72 -17.18 6.66 6.07
CA VAL A 72 -18.39 7.37 6.43
C VAL A 72 -19.63 6.76 5.75
N GLY A 73 -19.54 6.53 4.45
CA GLY A 73 -20.66 5.91 3.73
C GLY A 73 -21.83 6.77 3.32
N CYS A 74 -21.67 8.09 3.35
CA CYS A 74 -22.76 8.99 2.95
C CYS A 74 -22.22 10.38 2.68
N VAL A 75 -23.00 11.18 1.95
CA VAL A 75 -22.61 12.55 1.62
C VAL A 75 -23.82 13.48 1.63
N ALA A 76 -23.56 14.77 1.78
CA ALA A 76 -24.61 15.78 1.75
C ALA A 76 -24.61 16.29 0.30
N GLY A 77 -25.81 16.52 -0.25
CA GLY A 77 -25.91 16.99 -1.63
C GLY A 77 -26.13 18.49 -1.70
N ASP A 78 -26.48 19.08 -0.57
CA ASP A 78 -26.71 20.51 -0.45
C ASP A 78 -26.66 20.85 1.03
N GLU A 79 -26.83 22.13 1.36
CA GLU A 79 -26.77 22.54 2.76
C GLU A 79 -27.92 21.97 3.58
N GLU A 80 -29.09 21.85 2.96
CA GLU A 80 -30.28 21.34 3.64
C GLU A 80 -30.20 19.86 3.99
N SER A 81 -29.35 19.11 3.30
CA SER A 81 -29.22 17.68 3.57
C SER A 81 -28.98 17.38 5.06
N TYR A 82 -28.12 18.16 5.69
CA TYR A 82 -27.79 17.96 7.09
C TYR A 82 -28.98 18.16 8.04
N GLU A 83 -29.94 18.97 7.60
CA GLU A 83 -31.14 19.25 8.39
C GLU A 83 -32.21 18.19 8.10
N VAL A 84 -32.57 18.06 6.83
CA VAL A 84 -33.57 17.10 6.42
C VAL A 84 -33.25 15.68 6.88
N PHE A 85 -32.00 15.26 6.71
CA PHE A 85 -31.60 13.92 7.11
C PHE A 85 -30.74 13.90 8.37
N LYS A 86 -31.05 14.81 9.29
CA LYS A 86 -30.30 14.90 10.54
C LYS A 86 -30.37 13.60 11.36
N ASP A 87 -31.47 12.86 11.24
CA ASP A 87 -31.58 11.61 11.99
C ASP A 87 -30.58 10.56 11.51
N LEU A 88 -30.00 10.78 10.33
CA LEU A 88 -28.97 9.89 9.80
C LEU A 88 -27.61 10.48 10.14
N PHE A 89 -27.40 11.74 9.73
CA PHE A 89 -26.14 12.43 9.97
C PHE A 89 -25.72 12.65 11.44
N ASP A 90 -26.67 13.01 12.31
CA ASP A 90 -26.30 13.25 13.71
C ASP A 90 -25.57 12.11 14.40
N PRO A 91 -26.09 10.87 14.31
CA PRO A 91 -25.42 9.74 14.95
C PRO A 91 -24.05 9.50 14.29
N ILE A 92 -24.02 9.64 12.97
CA ILE A 92 -22.79 9.46 12.22
C ILE A 92 -21.75 10.50 12.66
N ILE A 93 -22.18 11.74 12.79
CA ILE A 93 -21.29 12.82 13.22
C ILE A 93 -20.79 12.58 14.64
N GLU A 94 -21.69 12.12 15.52
CA GLU A 94 -21.32 11.87 16.90
C GLU A 94 -20.26 10.77 16.97
N ASP A 95 -20.51 9.67 16.26
CA ASP A 95 -19.58 8.54 16.26
C ASP A 95 -18.24 8.90 15.62
N ARG A 96 -18.29 9.56 14.48
CA ARG A 96 -17.09 9.95 13.74
C ARG A 96 -16.22 11.00 14.45
N HIS A 97 -16.86 11.96 15.10
CA HIS A 97 -16.12 13.02 15.79
C HIS A 97 -16.03 12.85 17.30
N GLY A 98 -15.83 11.61 17.72
CA GLY A 98 -15.68 11.29 19.13
C GLY A 98 -16.67 11.86 20.12
N GLY A 99 -17.96 11.61 19.91
CA GLY A 99 -18.97 12.10 20.83
C GLY A 99 -19.50 13.50 20.64
N TYR A 100 -19.31 14.09 19.46
CA TYR A 100 -19.84 15.42 19.24
C TYR A 100 -21.37 15.27 19.20
N LYS A 101 -22.05 15.82 20.21
CA LYS A 101 -23.50 15.72 20.33
C LYS A 101 -24.33 16.66 19.44
N PRO A 102 -25.57 16.26 19.11
CA PRO A 102 -26.44 17.08 18.27
C PRO A 102 -26.64 18.49 18.82
N SER A 103 -26.49 18.63 20.14
CA SER A 103 -26.68 19.92 20.79
C SER A 103 -25.39 20.72 20.98
N ASP A 104 -24.24 20.12 20.64
CA ASP A 104 -22.98 20.82 20.81
C ASP A 104 -22.83 22.00 19.85
N GLU A 105 -21.96 22.93 20.23
CA GLU A 105 -21.70 24.12 19.43
C GLU A 105 -20.27 24.08 18.91
N HIS A 106 -20.07 24.52 17.68
CA HIS A 106 -18.73 24.57 17.12
C HIS A 106 -18.28 26.02 17.08
N LYS A 107 -17.10 26.29 17.65
CA LYS A 107 -16.56 27.64 17.65
C LYS A 107 -15.51 27.80 16.57
N THR A 108 -15.68 28.83 15.74
CA THR A 108 -14.73 29.12 14.67
C THR A 108 -13.79 30.25 15.14
N ASP A 109 -12.49 30.06 14.91
CA ASP A 109 -11.50 31.08 15.30
C ASP A 109 -10.42 31.20 14.24
N LEU A 110 -10.56 32.20 13.38
CA LEU A 110 -9.59 32.42 12.31
C LEU A 110 -8.74 33.65 12.62
N ASN A 111 -8.39 33.81 13.89
CA ASN A 111 -7.55 34.93 14.32
C ASN A 111 -6.17 34.41 14.69
N PRO A 112 -5.17 34.65 13.82
CA PRO A 112 -3.77 34.21 14.00
C PRO A 112 -3.14 34.68 15.31
N ASP A 113 -3.59 35.83 15.81
CA ASP A 113 -3.06 36.38 17.06
C ASP A 113 -3.31 35.46 18.25
N ASN A 114 -4.32 34.61 18.15
CA ASN A 114 -4.68 33.71 19.24
C ASN A 114 -3.77 32.48 19.31
N LEU A 115 -2.96 32.30 18.27
CA LEU A 115 -2.03 31.18 18.24
C LEU A 115 -0.79 31.59 19.05
N GLN A 116 -0.44 30.80 20.05
CA GLN A 116 0.72 31.13 20.87
C GLN A 116 1.98 30.49 20.28
N GLY A 117 2.92 31.33 19.88
CA GLY A 117 4.15 30.83 19.30
C GLY A 117 3.86 30.14 17.97
N GLY A 118 4.63 29.10 17.68
CA GLY A 118 4.43 28.36 16.45
C GLY A 118 5.13 28.97 15.25
N ASP A 119 5.92 30.01 15.49
CA ASP A 119 6.64 30.68 14.42
C ASP A 119 8.08 30.19 14.32
N ASP A 120 8.44 29.24 15.18
CA ASP A 120 9.82 28.75 15.18
C ASP A 120 10.03 27.25 15.33
N LEU A 121 9.15 26.44 14.73
CA LEU A 121 9.34 24.99 14.82
C LEU A 121 10.73 24.71 14.23
N ASP A 122 11.56 24.03 15.01
CA ASP A 122 12.94 23.72 14.62
C ASP A 122 13.12 23.28 13.16
N PRO A 123 13.70 24.15 12.32
CA PRO A 123 13.92 23.85 10.90
C PRO A 123 14.84 22.67 10.63
N ASN A 124 15.53 22.18 11.66
CA ASN A 124 16.39 21.02 11.49
C ASN A 124 15.52 19.77 11.45
N TYR A 125 14.26 19.92 11.83
CA TYR A 125 13.34 18.78 11.82
C TYR A 125 12.13 19.02 10.92
N VAL A 126 11.54 20.20 11.04
CA VAL A 126 10.37 20.52 10.24
C VAL A 126 10.80 21.06 8.87
N LEU A 127 10.59 20.25 7.84
CA LEU A 127 10.95 20.62 6.47
C LEU A 127 9.94 21.56 5.81
N SER A 128 8.67 21.47 6.22
CA SER A 128 7.64 22.34 5.69
C SER A 128 6.39 22.26 6.56
N SER A 129 5.57 23.32 6.49
CA SER A 129 4.35 23.43 7.26
C SER A 129 3.22 23.76 6.32
N ARG A 130 2.01 23.30 6.65
CA ARG A 130 0.86 23.52 5.79
C ARG A 130 -0.48 23.47 6.53
N VAL A 131 -1.43 24.27 6.05
CA VAL A 131 -2.77 24.29 6.64
C VAL A 131 -3.78 24.24 5.49
N ARG A 132 -4.66 23.25 5.53
CA ARG A 132 -5.66 23.05 4.48
C ARG A 132 -7.07 23.05 5.04
N THR A 133 -8.04 23.45 4.22
CA THR A 133 -9.45 23.45 4.60
C THR A 133 -10.31 23.46 3.33
N GLY A 134 -11.62 23.38 3.52
CA GLY A 134 -12.55 23.40 2.41
C GLY A 134 -13.70 24.31 2.75
N ARG A 135 -14.34 24.88 1.72
CA ARG A 135 -15.48 25.77 1.92
C ARG A 135 -16.54 25.49 0.84
N SER A 136 -17.80 25.76 1.18
CA SER A 136 -18.90 25.59 0.24
C SER A 136 -19.55 26.97 0.15
N ILE A 137 -20.06 27.30 -1.02
CA ILE A 137 -20.72 28.58 -1.24
C ILE A 137 -22.23 28.38 -1.11
N ARG A 138 -22.83 29.06 -0.13
CA ARG A 138 -24.26 28.95 0.13
C ARG A 138 -25.11 29.30 -1.09
N GLY A 139 -26.14 28.51 -1.33
CA GLY A 139 -27.03 28.74 -2.46
C GLY A 139 -26.79 27.77 -3.60
N PHE A 140 -25.71 27.01 -3.52
CA PHE A 140 -25.36 26.03 -4.54
C PHE A 140 -25.30 24.63 -3.95
N CYS A 141 -25.74 23.64 -4.72
CA CYS A 141 -25.69 22.26 -4.27
C CYS A 141 -24.24 21.84 -4.16
N LEU A 142 -23.96 20.83 -3.35
CA LEU A 142 -22.61 20.31 -3.17
C LEU A 142 -22.22 19.44 -4.38
N PRO A 143 -20.91 19.16 -4.55
CA PRO A 143 -20.40 18.35 -5.66
C PRO A 143 -21.13 17.08 -6.08
N PRO A 144 -21.67 16.31 -5.13
CA PRO A 144 -22.36 15.09 -5.58
C PRO A 144 -23.62 15.39 -6.38
N HIS A 145 -24.20 16.55 -6.14
CA HIS A 145 -25.46 16.95 -6.73
C HIS A 145 -25.49 18.19 -7.63
N CYS A 146 -24.48 19.05 -7.55
CA CYS A 146 -24.50 20.27 -8.36
C CYS A 146 -24.61 20.00 -9.86
N SER A 147 -25.36 20.84 -10.57
CA SER A 147 -25.52 20.69 -12.01
C SER A 147 -24.35 21.39 -12.70
N ARG A 148 -24.19 21.16 -14.00
CA ARG A 148 -23.11 21.80 -14.73
C ARG A 148 -23.22 23.31 -14.60
N GLY A 149 -24.45 23.81 -14.60
CA GLY A 149 -24.67 25.24 -14.48
C GLY A 149 -24.20 25.78 -13.14
N GLU A 150 -24.54 25.09 -12.06
CA GLU A 150 -24.11 25.54 -10.73
C GLU A 150 -22.59 25.50 -10.61
N ARG A 151 -22.00 24.43 -11.10
CA ARG A 151 -20.55 24.26 -11.04
C ARG A 151 -19.85 25.41 -11.77
N ARG A 152 -20.36 25.76 -12.94
CA ARG A 152 -19.79 26.86 -13.72
C ARG A 152 -19.96 28.19 -13.01
N ALA A 153 -21.12 28.38 -12.37
CA ALA A 153 -21.38 29.62 -11.63
C ALA A 153 -20.38 29.74 -10.48
N ILE A 154 -20.17 28.63 -9.76
CA ILE A 154 -19.23 28.62 -8.65
C ILE A 154 -17.82 28.95 -9.16
N GLU A 155 -17.43 28.33 -10.28
CA GLU A 155 -16.11 28.59 -10.82
C GLU A 155 -15.93 30.07 -11.19
N LYS A 156 -16.92 30.66 -11.83
CA LYS A 156 -16.84 32.06 -12.23
C LYS A 156 -16.67 32.97 -11.01
N LEU A 157 -17.40 32.68 -9.94
CA LEU A 157 -17.29 33.47 -8.71
C LEU A 157 -15.88 33.33 -8.12
N ALA A 158 -15.40 32.09 -8.05
CA ALA A 158 -14.07 31.83 -7.49
C ALA A 158 -12.96 32.52 -8.29
N VAL A 159 -12.98 32.33 -9.61
CA VAL A 159 -11.96 32.94 -10.47
C VAL A 159 -11.93 34.45 -10.33
N GLU A 160 -13.11 35.07 -10.25
CA GLU A 160 -13.20 36.51 -10.10
C GLU A 160 -12.60 36.99 -8.78
N ALA A 161 -12.95 36.33 -7.69
CA ALA A 161 -12.43 36.71 -6.38
C ALA A 161 -10.92 36.49 -6.32
N LEU A 162 -10.48 35.32 -6.76
CA LEU A 162 -9.05 35.01 -6.75
C LEU A 162 -8.24 35.98 -7.61
N SER A 163 -8.80 36.40 -8.74
CA SER A 163 -8.06 37.33 -9.62
C SER A 163 -7.93 38.71 -8.98
N SER A 164 -8.68 38.95 -7.91
CA SER A 164 -8.64 40.23 -7.20
C SER A 164 -7.50 40.26 -6.19
N LEU A 165 -7.09 39.09 -5.71
CA LEU A 165 -6.01 39.01 -4.73
C LEU A 165 -4.73 39.56 -5.35
N ASP A 166 -3.98 40.35 -4.58
CA ASP A 166 -2.76 40.96 -5.08
C ASP A 166 -1.64 40.86 -4.05
N GLY A 167 -0.49 41.46 -4.38
CA GLY A 167 0.64 41.42 -3.48
C GLY A 167 1.08 40.00 -3.23
N ASP A 168 1.16 39.62 -1.95
CA ASP A 168 1.57 38.29 -1.55
C ASP A 168 0.65 37.19 -2.11
N LEU A 169 -0.61 37.56 -2.36
CA LEU A 169 -1.61 36.64 -2.88
C LEU A 169 -1.86 36.72 -4.39
N ALA A 170 -1.04 37.49 -5.10
CA ALA A 170 -1.19 37.58 -6.55
C ALA A 170 -0.97 36.20 -7.16
N GLY A 171 -1.86 35.78 -8.04
CA GLY A 171 -1.70 34.47 -8.66
C GLY A 171 -2.29 34.30 -10.05
N ARG A 172 -2.42 33.04 -10.46
CA ARG A 172 -2.95 32.70 -11.78
C ARG A 172 -3.87 31.50 -11.67
N TYR A 173 -4.85 31.42 -12.56
CA TYR A 173 -5.79 30.32 -12.56
C TYR A 173 -5.44 29.34 -13.68
N TYR A 174 -5.54 28.05 -13.39
CA TYR A 174 -5.27 27.04 -14.40
C TYR A 174 -6.47 26.10 -14.53
N ALA A 175 -7.23 26.27 -15.60
CA ALA A 175 -8.39 25.41 -15.84
C ALA A 175 -7.88 24.04 -16.24
N LEU A 176 -8.47 22.99 -15.70
CA LEU A 176 -8.06 21.64 -16.05
C LEU A 176 -8.32 21.37 -17.53
N LYS A 177 -9.45 21.85 -18.02
CA LYS A 177 -9.84 21.64 -19.40
C LYS A 177 -8.79 22.09 -20.41
N SER A 178 -8.26 23.30 -20.26
CA SER A 178 -7.27 23.82 -21.19
C SER A 178 -5.81 23.62 -20.79
N MET A 179 -5.58 22.81 -19.76
CA MET A 179 -4.23 22.59 -19.26
C MET A 179 -3.26 21.92 -20.23
N THR A 180 -2.10 22.55 -20.43
CA THR A 180 -1.09 21.99 -21.32
C THR A 180 -0.26 20.95 -20.58
N GLU A 181 0.55 20.20 -21.33
CA GLU A 181 1.41 19.18 -20.74
C GLU A 181 2.42 19.83 -19.82
N ALA A 182 2.94 20.98 -20.23
CA ALA A 182 3.95 21.68 -19.44
C ALA A 182 3.37 22.16 -18.10
N GLU A 183 2.15 22.68 -18.11
CA GLU A 183 1.53 23.15 -16.89
C GLU A 183 1.25 21.99 -15.94
N GLN A 184 0.69 20.90 -16.44
CA GLN A 184 0.39 19.79 -15.55
C GLN A 184 1.64 19.17 -14.95
N GLN A 185 2.73 19.14 -15.70
CA GLN A 185 3.96 18.58 -15.17
C GLN A 185 4.52 19.46 -14.06
N GLN A 186 4.43 20.78 -14.24
CA GLN A 186 4.91 21.70 -13.22
C GLN A 186 4.06 21.56 -11.97
N LEU A 187 2.75 21.47 -12.18
CA LEU A 187 1.80 21.32 -11.09
C LEU A 187 2.06 20.00 -10.39
N ILE A 188 2.40 18.97 -11.17
CA ILE A 188 2.69 17.66 -10.60
C ILE A 188 3.93 17.75 -9.72
N ASP A 189 4.97 18.38 -10.24
CA ASP A 189 6.21 18.52 -9.49
C ASP A 189 6.01 19.35 -8.23
N ASP A 190 5.10 20.32 -8.29
CA ASP A 190 4.82 21.18 -7.13
C ASP A 190 3.79 20.57 -6.17
N HIS A 191 3.26 19.40 -6.51
CA HIS A 191 2.27 18.74 -5.67
C HIS A 191 0.97 19.56 -5.64
N PHE A 192 0.71 20.34 -6.69
CA PHE A 192 -0.50 21.17 -6.77
C PHE A 192 -1.62 20.56 -7.62
N LEU A 193 -1.30 19.54 -8.40
CA LEU A 193 -2.31 18.94 -9.26
C LEU A 193 -3.27 17.94 -8.66
N PHE A 194 -4.52 17.99 -9.12
CA PHE A 194 -5.52 17.02 -8.71
C PHE A 194 -6.10 16.50 -10.03
N ASP A 195 -6.43 15.22 -10.07
CA ASP A 195 -7.00 14.60 -11.27
C ASP A 195 -8.39 14.09 -10.97
N LYS A 196 -9.02 13.48 -11.95
CA LYS A 196 -10.34 12.90 -11.73
C LYS A 196 -10.13 11.85 -10.64
N PRO A 197 -11.01 11.83 -9.63
CA PRO A 197 -10.86 10.85 -8.55
C PRO A 197 -10.88 9.41 -9.07
N VAL A 198 -10.13 8.54 -8.41
CA VAL A 198 -10.11 7.12 -8.77
C VAL A 198 -10.74 6.36 -7.61
N SER A 199 -10.95 7.04 -6.49
CA SER A 199 -11.56 6.41 -5.34
C SER A 199 -13.03 6.10 -5.59
N PRO A 200 -13.43 4.84 -5.40
CA PRO A 200 -14.84 4.46 -5.61
C PRO A 200 -15.75 5.20 -4.63
N LEU A 201 -15.22 5.55 -3.46
CA LEU A 201 -16.00 6.26 -2.45
C LEU A 201 -16.47 7.61 -3.00
N LEU A 202 -15.60 8.25 -3.76
CA LEU A 202 -15.93 9.54 -4.36
C LEU A 202 -16.73 9.37 -5.65
N LEU A 203 -16.32 8.41 -6.48
CA LEU A 203 -17.02 8.16 -7.73
C LEU A 203 -18.48 7.77 -7.55
N ALA A 204 -18.74 6.90 -6.59
CA ALA A 204 -20.08 6.43 -6.32
C ALA A 204 -21.06 7.51 -5.82
N SER A 205 -20.53 8.66 -5.43
CA SER A 205 -21.37 9.74 -4.92
C SER A 205 -21.87 10.64 -6.05
N GLY A 206 -21.26 10.52 -7.23
CA GLY A 206 -21.66 11.33 -8.36
C GLY A 206 -20.90 12.64 -8.49
N MET A 207 -19.93 12.86 -7.61
CA MET A 207 -19.18 14.11 -7.61
C MET A 207 -18.22 14.30 -8.79
N ALA A 208 -17.94 13.24 -9.55
CA ALA A 208 -17.01 13.35 -10.68
C ALA A 208 -17.67 13.57 -12.04
N ARG A 209 -18.96 13.86 -12.05
CA ARG A 209 -19.69 14.08 -13.29
C ARG A 209 -19.09 15.24 -14.10
N ASP A 210 -19.20 15.12 -15.42
CA ASP A 210 -18.74 16.16 -16.35
C ASP A 210 -17.26 16.54 -16.27
N TRP A 211 -16.44 15.69 -15.67
CA TRP A 211 -15.02 15.99 -15.55
C TRP A 211 -14.42 16.23 -16.94
N PRO A 212 -13.56 17.25 -17.09
CA PRO A 212 -13.07 18.20 -16.08
C PRO A 212 -13.77 19.56 -16.14
N ASP A 213 -15.01 19.57 -16.61
CA ASP A 213 -15.75 20.82 -16.75
C ASP A 213 -15.83 21.63 -15.46
N ALA A 214 -15.41 22.89 -15.56
CA ALA A 214 -15.45 23.82 -14.43
C ALA A 214 -14.53 23.52 -13.26
N ARG A 215 -13.57 22.61 -13.44
CA ARG A 215 -12.61 22.30 -12.37
C ARG A 215 -11.35 23.11 -12.67
N GLY A 216 -10.65 23.55 -11.63
CA GLY A 216 -9.45 24.33 -11.87
C GLY A 216 -8.53 24.47 -10.67
N ILE A 217 -7.32 24.93 -10.95
CA ILE A 217 -6.29 25.11 -9.93
C ILE A 217 -5.75 26.55 -9.96
N TRP A 218 -5.75 27.19 -8.79
CA TRP A 218 -5.24 28.55 -8.67
C TRP A 218 -4.16 28.54 -7.61
N HIS A 219 -3.08 29.28 -7.84
CA HIS A 219 -2.04 29.37 -6.83
C HIS A 219 -1.32 30.70 -7.01
N ASN A 220 -0.82 31.27 -5.91
CA ASN A 220 -0.13 32.55 -5.97
C ASN A 220 1.26 32.37 -6.57
N ASP A 221 1.85 33.47 -7.01
CA ASP A 221 3.17 33.40 -7.64
C ASP A 221 4.26 32.81 -6.75
N ASN A 222 4.20 33.08 -5.46
CA ASN A 222 5.19 32.55 -4.51
C ASN A 222 4.97 31.08 -4.19
N LYS A 223 3.86 30.52 -4.66
CA LYS A 223 3.53 29.12 -4.44
C LYS A 223 3.41 28.77 -2.96
N THR A 224 2.76 29.65 -2.20
CA THR A 224 2.54 29.45 -0.78
C THR A 224 1.04 29.45 -0.46
N PHE A 225 0.23 29.67 -1.48
CA PHE A 225 -1.23 29.69 -1.32
C PHE A 225 -1.84 29.02 -2.54
N LEU A 226 -2.61 27.97 -2.30
CA LEU A 226 -3.22 27.16 -3.35
C LEU A 226 -4.70 26.94 -3.14
N VAL A 227 -5.47 27.03 -4.22
CA VAL A 227 -6.91 26.82 -4.18
C VAL A 227 -7.36 25.88 -5.30
N TRP A 228 -8.13 24.87 -4.92
CA TRP A 228 -8.68 23.92 -5.88
C TRP A 228 -10.16 24.24 -6.01
N VAL A 229 -10.62 24.39 -7.23
CA VAL A 229 -12.00 24.72 -7.51
C VAL A 229 -12.84 23.57 -8.04
N ASN A 230 -13.93 23.27 -7.35
CA ASN A 230 -14.88 22.22 -7.74
C ASN A 230 -14.38 20.78 -7.78
N GLU A 231 -13.51 20.41 -6.83
CA GLU A 231 -13.04 19.04 -6.76
C GLU A 231 -13.94 18.35 -5.72
N GLU A 232 -13.41 17.96 -4.57
CA GLU A 232 -14.23 17.32 -3.54
C GLU A 232 -15.27 18.27 -2.97
N ASP A 233 -14.94 19.56 -2.93
CA ASP A 233 -15.85 20.58 -2.45
C ASP A 233 -15.73 21.80 -3.34
N HIS A 234 -16.60 22.79 -3.16
CA HIS A 234 -16.56 23.99 -4.00
C HIS A 234 -15.15 24.57 -3.99
N LEU A 235 -14.58 24.67 -2.80
CA LEU A 235 -13.24 25.23 -2.65
C LEU A 235 -12.41 24.47 -1.64
N ARG A 236 -11.13 24.28 -1.97
CA ARG A 236 -10.19 23.64 -1.06
C ARG A 236 -9.07 24.67 -1.04
N VAL A 237 -8.78 25.17 0.16
CA VAL A 237 -7.78 26.20 0.36
C VAL A 237 -6.57 25.70 1.12
N ILE A 238 -5.39 25.86 0.52
CA ILE A 238 -4.16 25.39 1.14
C ILE A 238 -3.07 26.47 1.25
N SER A 239 -2.48 26.57 2.42
CA SER A 239 -1.41 27.53 2.67
C SER A 239 -0.21 26.69 3.06
N MET A 240 0.95 26.98 2.48
CA MET A 240 2.13 26.18 2.81
C MET A 240 3.44 26.90 2.56
N GLN A 241 4.52 26.28 3.02
CA GLN A 241 5.87 26.81 2.84
C GLN A 241 6.89 25.94 3.56
N LYS A 242 8.14 26.02 3.12
CA LYS A 242 9.19 25.22 3.74
C LYS A 242 9.51 25.77 5.12
N GLY A 243 10.10 24.93 5.97
CA GLY A 243 10.45 25.38 7.31
C GLY A 243 9.33 25.18 8.31
N GLY A 244 9.56 25.67 9.53
CA GLY A 244 8.58 25.50 10.59
C GLY A 244 7.88 26.76 11.09
N ASN A 245 7.69 27.74 10.23
CA ASN A 245 6.99 28.94 10.68
C ASN A 245 5.50 28.69 10.46
N MET A 246 4.92 27.86 11.31
CA MET A 246 3.51 27.52 11.24
C MET A 246 2.61 28.74 11.44
N LYS A 247 3.08 29.69 12.22
CA LYS A 247 2.30 30.90 12.46
C LYS A 247 2.12 31.70 11.17
N GLU A 248 3.20 31.82 10.40
CA GLU A 248 3.14 32.55 9.14
C GLU A 248 2.17 31.84 8.19
N VAL A 249 2.30 30.52 8.12
CA VAL A 249 1.43 29.72 7.25
C VAL A 249 -0.02 29.95 7.61
N PHE A 250 -0.33 29.82 8.91
CA PHE A 250 -1.68 30.00 9.39
C PHE A 250 -2.16 31.43 9.16
N THR A 251 -1.26 32.39 9.30
CA THR A 251 -1.64 33.79 9.07
C THR A 251 -2.06 33.99 7.61
N ARG A 252 -1.28 33.45 6.66
CA ARG A 252 -1.62 33.59 5.24
C ARG A 252 -2.97 32.92 4.99
N PHE A 253 -3.13 31.75 5.59
CA PHE A 253 -4.36 30.94 5.51
C PHE A 253 -5.56 31.80 5.91
N CYS A 254 -5.50 32.40 7.09
CA CYS A 254 -6.57 33.24 7.59
C CYS A 254 -6.83 34.48 6.76
N THR A 255 -5.76 35.14 6.29
CA THR A 255 -5.91 36.35 5.48
C THR A 255 -6.52 36.04 4.12
N GLY A 256 -6.03 34.98 3.49
CA GLY A 256 -6.55 34.60 2.18
C GLY A 256 -8.02 34.27 2.26
N LEU A 257 -8.41 33.48 3.25
CA LEU A 257 -9.81 33.09 3.44
C LEU A 257 -10.69 34.30 3.69
N THR A 258 -10.21 35.22 4.52
CA THR A 258 -10.96 36.43 4.84
C THR A 258 -11.19 37.29 3.60
N GLN A 259 -10.14 37.52 2.81
CA GLN A 259 -10.25 38.33 1.60
C GLN A 259 -11.19 37.67 0.59
N ILE A 260 -11.08 36.36 0.42
CA ILE A 260 -11.94 35.67 -0.51
C ILE A 260 -13.38 35.82 -0.07
N GLU A 261 -13.63 35.57 1.21
CA GLU A 261 -14.97 35.68 1.77
C GLU A 261 -15.50 37.10 1.59
N THR A 262 -14.64 38.08 1.79
CA THR A 262 -15.03 39.48 1.65
C THR A 262 -15.42 39.76 0.19
N LEU A 263 -14.63 39.24 -0.75
CA LEU A 263 -14.95 39.44 -2.17
C LEU A 263 -16.30 38.81 -2.48
N PHE A 264 -16.55 37.62 -1.94
CA PHE A 264 -17.83 36.94 -2.18
C PHE A 264 -18.98 37.76 -1.62
N LYS A 265 -18.84 38.24 -0.39
CA LYS A 265 -19.89 39.03 0.24
C LYS A 265 -20.26 40.27 -0.56
N SER A 266 -19.28 40.88 -1.22
CA SER A 266 -19.53 42.08 -2.01
C SER A 266 -20.47 41.75 -3.17
N LYS A 267 -20.62 40.45 -3.43
CA LYS A 267 -21.49 39.98 -4.50
C LYS A 267 -22.69 39.25 -3.93
N ASP A 268 -22.90 39.41 -2.63
CA ASP A 268 -24.01 38.79 -1.92
C ASP A 268 -23.91 37.28 -1.76
N TYR A 269 -22.69 36.77 -1.70
CA TYR A 269 -22.47 35.33 -1.53
C TYR A 269 -21.72 35.12 -0.23
N GLU A 270 -21.91 33.96 0.38
CA GLU A 270 -21.24 33.63 1.63
C GLU A 270 -20.98 32.14 1.73
N PHE A 271 -20.16 31.74 2.69
CA PHE A 271 -19.85 30.33 2.90
C PHE A 271 -20.97 29.69 3.71
N MET A 272 -21.18 28.39 3.48
CA MET A 272 -22.18 27.65 4.23
C MET A 272 -21.57 27.48 5.61
N TRP A 273 -22.30 27.90 6.64
CA TRP A 273 -21.82 27.80 8.01
C TRP A 273 -22.97 27.94 8.99
N ASN A 274 -22.88 27.23 10.11
CA ASN A 274 -23.88 27.35 11.17
C ASN A 274 -23.19 27.02 12.49
N PRO A 275 -23.75 27.52 13.61
CA PRO A 275 -23.24 27.33 14.97
C PRO A 275 -23.01 25.90 15.46
N HIS A 276 -23.67 24.94 14.82
CA HIS A 276 -23.55 23.55 15.24
C HIS A 276 -22.51 22.75 14.45
N LEU A 277 -22.53 22.86 13.13
CA LEU A 277 -21.61 22.11 12.26
C LEU A 277 -20.41 22.90 11.74
N GLY A 278 -20.36 24.20 12.03
CA GLY A 278 -19.27 25.01 11.53
C GLY A 278 -19.41 25.08 10.02
N TYR A 279 -18.29 24.98 9.29
CA TYR A 279 -18.36 25.05 7.84
C TYR A 279 -18.91 23.76 7.26
N ILE A 280 -19.93 23.90 6.42
CA ILE A 280 -20.59 22.77 5.78
C ILE A 280 -19.83 22.28 4.56
N LEU A 281 -19.53 20.99 4.53
CA LEU A 281 -18.81 20.39 3.41
C LEU A 281 -19.51 19.08 3.02
N THR A 282 -19.13 18.51 1.87
CA THR A 282 -19.74 17.28 1.39
C THR A 282 -19.69 16.07 2.32
N CYS A 283 -18.52 15.79 2.88
CA CYS A 283 -18.40 14.64 3.76
C CYS A 283 -18.45 15.01 5.23
N PRO A 284 -19.31 14.32 6.01
CA PRO A 284 -19.46 14.58 7.43
C PRO A 284 -18.13 14.59 8.19
N SER A 285 -17.15 13.81 7.72
CA SER A 285 -15.87 13.78 8.42
C SER A 285 -15.10 15.10 8.31
N ASN A 286 -15.48 15.97 7.37
CA ASN A 286 -14.80 17.26 7.17
C ASN A 286 -15.50 18.47 7.77
N LEU A 287 -16.52 18.25 8.59
CA LEU A 287 -17.28 19.33 9.20
C LEU A 287 -16.50 20.15 10.24
N GLY A 288 -17.10 21.26 10.68
CA GLY A 288 -16.47 22.10 11.68
C GLY A 288 -15.44 23.06 11.11
N THR A 289 -14.18 22.66 11.15
CA THR A 289 -13.11 23.48 10.61
C THR A 289 -12.67 22.90 9.29
N GLY A 290 -12.91 21.60 9.11
CA GLY A 290 -12.47 20.93 7.89
C GLY A 290 -10.99 21.19 7.72
N LEU A 291 -10.32 21.44 8.84
CA LEU A 291 -8.92 21.80 8.82
C LEU A 291 -7.89 20.73 9.12
N ARG A 292 -6.86 20.69 8.28
CA ARG A 292 -5.75 19.78 8.44
C ARG A 292 -4.49 20.62 8.45
N ALA A 293 -3.90 20.75 9.63
CA ALA A 293 -2.65 21.51 9.81
C ALA A 293 -1.58 20.47 10.06
N GLY A 294 -0.51 20.52 9.29
CA GLY A 294 0.53 19.53 9.49
C GLY A 294 1.92 19.95 9.05
N VAL A 295 2.88 19.10 9.39
CA VAL A 295 4.27 19.37 9.06
C VAL A 295 4.88 18.14 8.40
N HIS A 296 5.88 18.40 7.57
CA HIS A 296 6.67 17.37 6.88
C HIS A 296 7.85 17.36 7.84
N ILE A 297 7.97 16.31 8.64
CA ILE A 297 9.02 16.31 9.65
C ILE A 297 9.94 15.08 9.74
N LYS A 298 11.22 15.36 9.96
CA LYS A 298 12.23 14.32 10.10
C LYS A 298 12.26 13.79 11.53
N LEU A 299 11.92 12.52 11.68
CA LEU A 299 11.90 11.85 12.97
C LEU A 299 12.40 10.43 12.76
N PRO A 300 13.64 10.27 12.25
CA PRO A 300 14.18 8.93 12.01
C PRO A 300 14.22 8.03 13.24
N ASN A 301 14.60 8.59 14.38
CA ASN A 301 14.66 7.81 15.61
C ASN A 301 13.27 7.49 16.17
N LEU A 302 12.49 8.53 16.43
CA LEU A 302 11.16 8.35 16.98
C LEU A 302 10.32 7.48 16.06
N GLY A 303 10.53 7.63 14.76
CA GLY A 303 9.77 6.86 13.79
C GLY A 303 9.95 5.36 13.92
N LYS A 304 11.03 4.94 14.57
CA LYS A 304 11.31 3.52 14.77
C LYS A 304 10.93 3.08 16.19
N HIS A 305 10.58 4.06 17.03
CA HIS A 305 10.22 3.75 18.41
C HIS A 305 8.84 3.11 18.50
N GLU A 306 8.73 2.05 19.30
CA GLU A 306 7.47 1.34 19.44
C GLU A 306 6.35 2.21 20.01
N LYS A 307 6.72 3.30 20.67
CA LYS A 307 5.73 4.19 21.28
C LYS A 307 5.35 5.37 20.39
N PHE A 308 5.80 5.36 19.13
CA PHE A 308 5.51 6.48 18.23
C PHE A 308 4.03 6.68 17.93
N SER A 309 3.34 5.63 17.52
CA SER A 309 1.91 5.74 17.21
C SER A 309 1.12 6.16 18.44
N GLU A 310 1.55 5.68 19.61
CA GLU A 310 0.88 6.01 20.86
C GLU A 310 1.02 7.49 21.21
N VAL A 311 2.25 8.00 21.11
CA VAL A 311 2.51 9.40 21.42
C VAL A 311 1.62 10.28 20.56
N LEU A 312 1.55 9.97 19.26
CA LEU A 312 0.73 10.76 18.35
C LEU A 312 -0.73 10.71 18.76
N LYS A 313 -1.19 9.53 19.16
CA LYS A 313 -2.57 9.34 19.58
C LYS A 313 -2.87 10.23 20.78
N ARG A 314 -1.98 10.19 21.77
CA ARG A 314 -2.15 10.97 22.98
C ARG A 314 -2.15 12.47 22.71
N LEU A 315 -1.39 12.90 21.70
CA LEU A 315 -1.32 14.32 21.35
C LEU A 315 -2.45 14.74 20.40
N ARG A 316 -3.33 13.79 20.11
CA ARG A 316 -4.46 14.02 19.21
C ARG A 316 -3.97 14.41 17.81
N LEU A 317 -2.92 13.72 17.38
CA LEU A 317 -2.31 13.93 16.07
C LEU A 317 -2.32 12.58 15.34
N GLN A 318 -2.06 12.62 14.05
CA GLN A 318 -1.98 11.40 13.26
C GLN A 318 -0.86 11.57 12.25
N LYS A 319 -0.38 10.47 11.69
CA LYS A 319 0.73 10.53 10.74
C LYS A 319 0.48 9.78 9.44
N ARG A 320 1.26 10.15 8.44
CA ARG A 320 1.23 9.52 7.13
C ARG A 320 2.70 9.42 6.71
N GLY A 321 3.11 8.26 6.22
CA GLY A 321 4.49 8.11 5.77
C GLY A 321 4.60 8.83 4.44
N THR A 322 5.82 9.06 3.97
CA THR A 322 6.05 9.74 2.70
C THR A 322 6.85 8.84 1.78
N GLY A 323 6.81 9.11 0.48
CA GLY A 323 7.54 8.28 -0.47
C GLY A 323 8.47 9.04 -1.38
N GLY A 324 9.08 10.10 -0.85
CA GLY A 324 9.99 10.91 -1.64
C GLY A 324 11.44 10.69 -1.27
N VAL A 325 12.33 11.49 -1.86
CA VAL A 325 13.74 11.39 -1.58
C VAL A 325 14.03 11.88 -0.15
N ASP A 326 13.13 12.69 0.39
CA ASP A 326 13.29 13.22 1.74
C ASP A 326 13.42 12.09 2.76
N THR A 327 12.41 11.24 2.84
CA THR A 327 12.45 10.13 3.78
C THR A 327 13.50 9.11 3.40
N ALA A 328 13.78 9.01 2.10
CA ALA A 328 14.79 8.07 1.61
C ALA A 328 16.17 8.39 2.18
N ALA A 329 16.53 9.67 2.18
CA ALA A 329 17.82 10.11 2.67
C ALA A 329 17.88 10.18 4.20
N VAL A 330 16.76 10.57 4.80
CA VAL A 330 16.68 10.69 6.26
C VAL A 330 16.35 9.38 6.95
N GLY A 331 15.68 8.49 6.24
CA GLY A 331 15.30 7.22 6.83
C GLY A 331 14.13 7.42 7.77
N GLY A 332 13.24 8.33 7.41
CA GLY A 332 12.08 8.58 8.26
C GLY A 332 11.56 9.99 8.32
N VAL A 333 10.79 10.37 7.31
CA VAL A 333 10.17 11.70 7.27
C VAL A 333 8.66 11.42 7.29
N PHE A 334 7.94 12.11 8.16
CA PHE A 334 6.51 11.88 8.26
C PHE A 334 5.64 13.13 8.13
N ASP A 335 4.41 12.90 7.71
CA ASP A 335 3.42 13.95 7.57
C ASP A 335 2.57 13.82 8.84
N VAL A 336 2.75 14.76 9.76
CA VAL A 336 2.03 14.74 11.03
C VAL A 336 1.08 15.93 11.09
N SER A 337 -0.18 15.65 11.42
CA SER A 337 -1.21 16.68 11.50
C SER A 337 -2.26 16.42 12.60
N ASN A 338 -3.09 17.43 12.86
CA ASN A 338 -4.15 17.29 13.87
C ASN A 338 -5.17 16.25 13.40
N ALA A 339 -5.72 15.49 14.34
CA ALA A 339 -6.72 14.47 14.00
C ALA A 339 -8.15 15.00 14.08
N ASP A 340 -8.37 15.96 14.96
CA ASP A 340 -9.71 16.54 15.15
C ASP A 340 -10.12 17.52 14.06
N ARG A 341 -11.43 17.66 13.86
CA ARG A 341 -11.99 18.55 12.85
C ARG A 341 -13.16 19.39 13.39
N LEU A 342 -14.02 18.76 14.19
CA LEU A 342 -15.20 19.42 14.73
C LEU A 342 -15.20 19.51 16.26
N GLY A 343 -15.62 20.65 16.79
CA GLY A 343 -15.64 20.80 18.24
C GLY A 343 -14.38 21.50 18.76
N PHE A 344 -13.47 21.83 17.86
CA PHE A 344 -12.23 22.53 18.21
C PHE A 344 -12.12 23.64 17.18
N SER A 345 -11.68 24.83 17.61
CA SER A 345 -11.52 25.96 16.69
C SER A 345 -10.26 25.78 15.85
N GLU A 346 -10.16 26.51 14.74
CA GLU A 346 -8.99 26.40 13.89
C GLU A 346 -7.74 26.72 14.71
N VAL A 347 -7.82 27.73 15.57
CA VAL A 347 -6.70 28.11 16.43
C VAL A 347 -6.30 26.98 17.37
N GLU A 348 -7.26 26.36 18.04
CA GLU A 348 -6.96 25.27 18.96
C GLU A 348 -6.30 24.11 18.23
N LEU A 349 -6.77 23.83 17.01
CA LEU A 349 -6.24 22.75 16.21
C LEU A 349 -4.78 23.01 15.82
N VAL A 350 -4.50 24.21 15.32
CA VAL A 350 -3.12 24.52 14.94
C VAL A 350 -2.23 24.54 16.17
N GLN A 351 -2.78 24.97 17.30
CA GLN A 351 -2.02 25.01 18.54
C GLN A 351 -1.61 23.60 18.97
N MET A 352 -2.50 22.65 18.80
CA MET A 352 -2.20 21.26 19.17
C MET A 352 -1.07 20.69 18.33
N VAL A 353 -1.00 21.09 17.06
CA VAL A 353 0.06 20.62 16.18
C VAL A 353 1.38 21.24 16.63
N VAL A 354 1.35 22.55 16.87
CA VAL A 354 2.53 23.29 17.32
C VAL A 354 3.08 22.70 18.61
N ASP A 355 2.21 22.50 19.59
CA ASP A 355 2.61 21.96 20.88
C ASP A 355 3.08 20.52 20.76
N GLY A 356 2.35 19.72 19.99
CA GLY A 356 2.72 18.33 19.81
C GLY A 356 4.05 18.17 19.10
N VAL A 357 4.23 18.92 18.01
CA VAL A 357 5.46 18.85 17.24
C VAL A 357 6.68 19.14 18.09
N LYS A 358 6.59 20.19 18.91
CA LYS A 358 7.70 20.58 19.78
C LYS A 358 8.09 19.45 20.73
N LEU A 359 7.12 18.65 21.17
CA LEU A 359 7.41 17.53 22.06
C LEU A 359 8.06 16.40 21.24
N LEU A 360 7.57 16.19 20.02
CA LEU A 360 8.12 15.16 19.15
C LEU A 360 9.60 15.43 18.90
N ILE A 361 9.93 16.70 18.69
CA ILE A 361 11.31 17.10 18.43
C ILE A 361 12.16 16.85 19.67
N GLU A 362 11.60 17.10 20.86
CA GLU A 362 12.33 16.85 22.09
C GLU A 362 12.64 15.37 22.23
N MET A 363 11.66 14.52 21.92
CA MET A 363 11.85 13.07 22.01
C MET A 363 12.88 12.62 21.00
N GLU A 364 12.83 13.19 19.81
CA GLU A 364 13.78 12.85 18.75
C GLU A 364 15.20 13.16 19.20
N GLN A 365 15.40 14.34 19.77
CA GLN A 365 16.72 14.73 20.24
C GLN A 365 17.22 13.83 21.37
N ARG A 366 16.30 13.32 22.16
CA ARG A 366 16.66 12.42 23.25
C ARG A 366 17.18 11.10 22.68
N LEU A 367 16.43 10.56 21.72
CA LEU A 367 16.81 9.31 21.07
C LEU A 367 18.12 9.43 20.33
N GLU A 368 18.45 10.64 19.88
CA GLU A 368 19.71 10.87 19.17
C GLU A 368 20.84 10.65 20.17
N GLN A 369 20.60 11.09 21.40
CA GLN A 369 21.58 10.95 22.48
C GLN A 369 21.52 9.54 23.06
N GLY A 370 20.77 8.66 22.40
CA GLY A 370 20.64 7.28 22.86
C GLY A 370 19.92 7.14 24.18
N GLN A 371 19.21 8.20 24.57
CA GLN A 371 18.47 8.23 25.83
C GLN A 371 17.03 7.75 25.68
N ALA A 372 16.34 7.63 26.81
CA ALA A 372 14.94 7.20 26.83
C ALA A 372 14.03 8.42 26.78
N ILE A 373 12.77 8.21 26.37
CA ILE A 373 11.82 9.30 26.27
C ILE A 373 10.63 9.12 27.22
N ASP A 374 10.72 8.11 28.08
CA ASP A 374 9.65 7.82 29.02
C ASP A 374 9.21 9.02 29.85
N ASP A 375 10.17 9.79 30.35
CA ASP A 375 9.86 10.96 31.16
C ASP A 375 9.21 12.06 30.34
N LEU A 376 9.27 11.94 29.02
CA LEU A 376 8.67 12.94 28.15
C LEU A 376 7.30 12.50 27.65
N MET A 377 6.99 11.21 27.82
CA MET A 377 5.71 10.66 27.38
C MET A 377 4.56 11.47 27.97
N PRO A 378 3.66 11.97 27.12
CA PRO A 378 2.51 12.77 27.57
C PRO A 378 1.29 11.92 27.91
N ALA A 379 0.33 12.55 28.59
CA ALA A 379 -0.89 11.86 28.94
C ALA A 379 -1.89 12.20 27.84
N GLN A 380 -2.84 11.31 27.57
CA GLN A 380 -3.84 11.55 26.55
C GLN A 380 -4.52 12.90 26.77
N LYS A 381 -4.51 13.74 25.76
CA LYS A 381 -5.13 15.05 25.89
C LYS A 381 -6.38 15.15 25.02
N SER B 6 11.57 5.99 -29.06
CA SER B 6 11.33 4.60 -28.59
C SER B 6 12.48 3.69 -28.99
N HIS B 7 12.93 2.87 -28.05
CA HIS B 7 14.03 1.94 -28.33
C HIS B 7 13.52 0.72 -29.08
N ASN B 8 12.42 0.15 -28.60
CA ASN B 8 11.87 -1.02 -29.25
C ASN B 8 11.57 -0.69 -30.71
N ALA B 9 11.08 0.53 -30.95
CA ALA B 9 10.78 0.98 -32.31
C ALA B 9 12.04 0.87 -33.17
N LEU B 10 13.18 1.27 -32.61
CA LEU B 10 14.44 1.20 -33.34
C LEU B 10 14.77 -0.26 -33.64
N LYS B 11 14.66 -1.11 -32.61
CA LYS B 11 14.95 -2.53 -32.77
C LYS B 11 14.03 -3.18 -33.79
N LEU B 12 12.80 -2.68 -33.90
CA LEU B 12 11.85 -3.23 -34.84
C LEU B 12 12.22 -2.91 -36.29
N ARG B 13 13.19 -2.01 -36.48
CA ARG B 13 13.64 -1.66 -37.83
C ARG B 13 14.50 -2.80 -38.37
N PHE B 14 15.08 -3.57 -37.45
CA PHE B 14 15.92 -4.71 -37.80
C PHE B 14 15.05 -5.95 -37.99
N PRO B 15 15.42 -6.83 -38.93
CA PRO B 15 14.59 -8.03 -39.11
C PRO B 15 14.67 -8.83 -37.81
N ALA B 16 13.58 -9.50 -37.44
CA ALA B 16 13.52 -10.27 -36.22
C ALA B 16 14.74 -11.20 -36.02
N GLU B 17 15.23 -11.80 -37.09
CA GLU B 17 16.37 -12.70 -36.99
C GLU B 17 17.65 -11.99 -36.53
N ASP B 18 17.80 -10.72 -36.89
CA ASP B 18 19.00 -10.01 -36.50
C ASP B 18 18.99 -9.64 -35.01
N GLU B 19 17.82 -9.64 -34.41
CA GLU B 19 17.70 -9.32 -32.98
C GLU B 19 17.54 -10.57 -32.12
N PHE B 20 17.16 -11.69 -32.74
CA PHE B 20 16.96 -12.95 -32.02
C PHE B 20 18.24 -13.34 -31.27
N PRO B 21 18.13 -13.59 -29.95
CA PRO B 21 19.31 -13.96 -29.14
C PRO B 21 19.93 -15.31 -29.49
N ASP B 22 21.22 -15.43 -29.22
CA ASP B 22 21.95 -16.67 -29.47
C ASP B 22 21.90 -17.48 -28.17
N LEU B 23 21.00 -18.46 -28.12
CA LEU B 23 20.87 -19.26 -26.91
C LEU B 23 21.49 -20.66 -27.07
N SER B 24 22.36 -20.81 -28.06
CA SER B 24 23.01 -22.09 -28.36
C SER B 24 23.60 -22.87 -27.17
N ALA B 25 24.30 -22.19 -26.28
CA ALA B 25 24.89 -22.88 -25.14
C ALA B 25 24.16 -22.56 -23.85
N HIS B 26 22.85 -22.32 -23.95
CA HIS B 26 22.05 -21.96 -22.79
C HIS B 26 21.20 -23.10 -22.26
N ASN B 27 21.10 -23.17 -20.94
CA ASN B 27 20.31 -24.20 -20.30
C ASN B 27 19.37 -23.63 -19.24
N ASN B 28 18.29 -23.00 -19.70
CA ASN B 28 17.29 -22.45 -18.80
C ASN B 28 15.95 -22.65 -19.50
N HIS B 29 14.86 -22.59 -18.74
CA HIS B 29 13.53 -22.81 -19.30
C HIS B 29 13.15 -21.91 -20.47
N MET B 30 13.56 -20.65 -20.41
CA MET B 30 13.27 -19.69 -21.47
C MET B 30 13.92 -20.16 -22.77
N ALA B 31 15.16 -20.60 -22.69
CA ALA B 31 15.90 -21.07 -23.85
C ALA B 31 15.22 -22.27 -24.50
N LYS B 32 14.62 -23.13 -23.68
CA LYS B 32 13.94 -24.33 -24.16
C LYS B 32 12.66 -24.05 -24.91
N VAL B 33 12.11 -22.84 -24.73
CA VAL B 33 10.84 -22.48 -25.36
C VAL B 33 10.90 -21.41 -26.44
N LEU B 34 11.72 -20.39 -26.24
CA LEU B 34 11.81 -19.29 -27.20
C LEU B 34 12.33 -19.71 -28.57
N THR B 35 11.48 -19.58 -29.58
CA THR B 35 11.86 -19.92 -30.95
C THR B 35 11.91 -18.64 -31.78
N PRO B 36 12.55 -18.69 -32.95
CA PRO B 36 12.64 -17.50 -33.81
C PRO B 36 11.23 -17.00 -34.15
N GLU B 37 10.32 -17.95 -34.33
CA GLU B 37 8.94 -17.64 -34.68
C GLU B 37 8.21 -16.94 -33.54
N LEU B 38 8.35 -17.48 -32.32
CA LEU B 38 7.68 -16.88 -31.17
C LEU B 38 8.26 -15.49 -30.88
N TYR B 39 9.56 -15.32 -31.13
CA TYR B 39 10.23 -14.04 -30.90
C TYR B 39 9.72 -12.99 -31.89
N ALA B 40 9.61 -13.40 -33.15
CA ALA B 40 9.14 -12.49 -34.19
C ALA B 40 7.71 -12.07 -33.93
N GLU B 41 6.92 -12.98 -33.37
CA GLU B 41 5.52 -12.71 -33.09
C GLU B 41 5.30 -11.77 -31.90
N LEU B 42 6.12 -11.89 -30.87
CA LEU B 42 5.97 -11.09 -29.65
C LEU B 42 6.90 -9.88 -29.46
N ARG B 43 7.96 -9.78 -30.24
CA ARG B 43 8.92 -8.68 -30.03
C ARG B 43 8.39 -7.26 -30.21
N ALA B 44 7.25 -7.08 -30.87
CA ALA B 44 6.70 -5.75 -31.07
C ALA B 44 5.70 -5.35 -29.97
N LYS B 45 5.28 -6.33 -29.16
CA LYS B 45 4.33 -6.08 -28.08
C LYS B 45 4.95 -5.38 -26.89
N SER B 46 4.11 -4.86 -26.00
CA SER B 46 4.56 -4.20 -24.79
C SER B 46 3.39 -4.06 -23.82
N THR B 47 3.68 -4.14 -22.52
CA THR B 47 2.63 -3.99 -21.52
C THR B 47 2.34 -2.49 -21.38
N PRO B 48 1.35 -2.11 -20.55
CA PRO B 48 1.04 -0.69 -20.39
C PRO B 48 2.18 0.14 -19.81
N SER B 49 3.08 -0.50 -19.06
CA SER B 49 4.22 0.19 -18.47
C SER B 49 5.41 0.20 -19.42
N GLY B 50 5.25 -0.45 -20.56
CA GLY B 50 6.32 -0.49 -21.54
C GLY B 50 7.27 -1.67 -21.43
N PHE B 51 6.91 -2.69 -20.67
CA PHE B 51 7.78 -3.85 -20.54
C PHE B 51 7.67 -4.65 -21.83
N THR B 52 8.80 -5.07 -22.38
CA THR B 52 8.82 -5.81 -23.64
C THR B 52 9.39 -7.22 -23.50
N LEU B 53 9.29 -7.99 -24.58
CA LEU B 53 9.80 -9.36 -24.60
C LEU B 53 11.30 -9.37 -24.32
N ASP B 54 12.03 -8.42 -24.91
CA ASP B 54 13.47 -8.36 -24.67
C ASP B 54 13.74 -8.18 -23.19
N ASP B 55 12.91 -7.37 -22.52
CA ASP B 55 13.07 -7.15 -21.09
C ASP B 55 12.78 -8.43 -20.32
N VAL B 56 11.75 -9.14 -20.74
CA VAL B 56 11.37 -10.39 -20.11
C VAL B 56 12.48 -11.44 -20.13
N ILE B 57 13.09 -11.61 -21.30
CA ILE B 57 14.11 -12.64 -21.46
C ILE B 57 15.58 -12.28 -21.22
N GLN B 58 15.87 -11.00 -20.97
CA GLN B 58 17.28 -10.61 -20.79
C GLN B 58 18.10 -11.47 -19.83
N THR B 59 17.59 -11.72 -18.63
CA THR B 59 18.35 -12.51 -17.69
C THR B 59 18.66 -13.91 -18.22
N GLY B 60 17.72 -14.48 -18.97
CA GLY B 60 17.93 -15.80 -19.53
C GLY B 60 18.94 -15.78 -20.68
N VAL B 61 19.08 -14.64 -21.34
CA VAL B 61 20.04 -14.55 -22.42
C VAL B 61 21.43 -14.39 -21.78
N ASP B 62 21.49 -13.53 -20.77
CA ASP B 62 22.74 -13.25 -20.06
C ASP B 62 23.27 -14.41 -19.24
N ASN B 63 22.38 -15.22 -18.68
CA ASN B 63 22.79 -16.34 -17.84
C ASN B 63 22.46 -17.70 -18.45
N PRO B 64 23.42 -18.31 -19.15
CA PRO B 64 23.30 -19.61 -19.80
C PRO B 64 22.90 -20.72 -18.82
N GLY B 65 23.29 -20.57 -17.57
CA GLY B 65 22.95 -21.57 -16.58
C GLY B 65 23.13 -21.09 -15.16
N HIS B 66 23.26 -22.05 -14.25
CA HIS B 66 23.44 -21.77 -12.82
C HIS B 66 24.15 -23.01 -12.26
N PRO B 67 25.08 -22.82 -11.32
CA PRO B 67 25.81 -23.95 -10.74
C PRO B 67 25.09 -24.86 -9.76
N TYR B 68 23.88 -24.49 -9.33
CA TYR B 68 23.17 -25.32 -8.37
C TYR B 68 21.75 -25.74 -8.74
N ILE B 69 21.06 -24.91 -9.52
CA ILE B 69 19.69 -25.24 -9.91
C ILE B 69 19.36 -24.88 -11.35
N MET B 70 18.26 -25.44 -11.86
CA MET B 70 17.79 -25.16 -13.21
C MET B 70 17.04 -23.84 -13.06
N THR B 71 17.38 -22.85 -13.89
CA THR B 71 16.74 -21.55 -13.81
C THR B 71 15.67 -21.32 -14.88
N VAL B 72 14.79 -20.36 -14.61
CA VAL B 72 13.71 -20.04 -15.55
C VAL B 72 14.18 -19.23 -16.74
N GLY B 73 15.08 -18.28 -16.52
CA GLY B 73 15.60 -17.48 -17.62
C GLY B 73 14.73 -16.32 -18.11
N CYS B 74 13.82 -15.84 -17.27
CA CYS B 74 12.96 -14.72 -17.66
C CYS B 74 12.20 -14.21 -16.45
N VAL B 75 11.72 -12.98 -16.54
CA VAL B 75 10.97 -12.37 -15.45
C VAL B 75 9.80 -11.55 -15.98
N ALA B 76 8.86 -11.25 -15.09
CA ALA B 76 7.71 -10.44 -15.43
C ALA B 76 8.05 -9.04 -14.91
N GLY B 77 7.65 -8.00 -15.64
CA GLY B 77 7.95 -6.64 -15.20
C GLY B 77 6.76 -5.97 -14.57
N ASP B 78 5.60 -6.61 -14.67
CA ASP B 78 4.36 -6.10 -14.13
C ASP B 78 3.32 -7.20 -14.26
N GLU B 79 2.16 -7.01 -13.65
CA GLU B 79 1.12 -8.02 -13.70
C GLU B 79 0.73 -8.41 -15.13
N GLU B 80 0.59 -7.42 -16.00
CA GLU B 80 0.19 -7.68 -17.39
C GLU B 80 1.20 -8.48 -18.22
N SER B 81 2.43 -8.62 -17.73
CA SER B 81 3.45 -9.36 -18.46
C SER B 81 3.03 -10.80 -18.74
N TYR B 82 2.43 -11.44 -17.74
CA TYR B 82 1.99 -12.82 -17.87
C TYR B 82 0.87 -13.01 -18.89
N GLU B 83 0.16 -11.92 -19.20
CA GLU B 83 -0.92 -11.99 -20.17
C GLU B 83 -0.41 -11.65 -21.57
N VAL B 84 0.23 -10.49 -21.70
CA VAL B 84 0.74 -10.06 -22.98
C VAL B 84 1.72 -11.07 -23.58
N PHE B 85 2.55 -11.68 -22.72
CA PHE B 85 3.52 -12.66 -23.20
C PHE B 85 3.21 -14.11 -22.77
N LYS B 86 1.92 -14.43 -22.61
CA LYS B 86 1.53 -15.78 -22.20
C LYS B 86 2.04 -16.89 -23.11
N ASP B 87 2.20 -16.60 -24.40
CA ASP B 87 2.68 -17.63 -25.32
C ASP B 87 4.14 -18.00 -25.06
N LEU B 88 4.79 -17.22 -24.20
CA LEU B 88 6.16 -17.52 -23.80
C LEU B 88 6.08 -18.14 -22.41
N PHE B 89 5.38 -17.45 -21.50
CA PHE B 89 5.24 -17.93 -20.12
C PHE B 89 4.50 -19.25 -19.91
N ASP B 90 3.41 -19.46 -20.65
CA ASP B 90 2.63 -20.69 -20.49
C ASP B 90 3.45 -21.98 -20.63
N PRO B 91 4.25 -22.10 -21.70
CA PRO B 91 5.05 -23.32 -21.86
C PRO B 91 6.09 -23.44 -20.74
N ILE B 92 6.72 -22.31 -20.39
CA ILE B 92 7.72 -22.30 -19.33
C ILE B 92 7.10 -22.77 -18.03
N ILE B 93 5.96 -22.18 -17.69
CA ILE B 93 5.24 -22.53 -16.47
C ILE B 93 4.90 -24.02 -16.48
N GLU B 94 4.46 -24.52 -17.64
CA GLU B 94 4.10 -25.92 -17.77
C GLU B 94 5.30 -26.81 -17.46
N ASP B 95 6.46 -26.42 -17.98
CA ASP B 95 7.69 -27.17 -17.77
C ASP B 95 8.23 -27.06 -16.35
N ARG B 96 8.38 -25.83 -15.87
CA ARG B 96 8.90 -25.60 -14.53
C ARG B 96 8.03 -26.19 -13.43
N HIS B 97 6.71 -26.19 -13.65
CA HIS B 97 5.80 -26.73 -12.64
C HIS B 97 5.10 -28.03 -13.05
N GLY B 98 5.91 -29.05 -13.34
CA GLY B 98 5.41 -30.36 -13.70
C GLY B 98 4.08 -30.48 -14.43
N GLY B 99 4.02 -30.00 -15.66
CA GLY B 99 2.81 -30.10 -16.46
C GLY B 99 1.64 -29.17 -16.20
N TYR B 100 1.80 -28.18 -15.33
CA TYR B 100 0.69 -27.25 -15.07
C TYR B 100 0.27 -26.61 -16.39
N LYS B 101 -0.92 -26.95 -16.86
CA LYS B 101 -1.42 -26.43 -18.13
C LYS B 101 -2.14 -25.10 -18.05
N PRO B 102 -2.27 -24.41 -19.21
CA PRO B 102 -2.95 -23.12 -19.31
C PRO B 102 -4.38 -23.14 -18.78
N SER B 103 -5.05 -24.29 -18.92
CA SER B 103 -6.43 -24.42 -18.47
C SER B 103 -6.57 -24.84 -17.01
N ASP B 104 -5.45 -25.15 -16.36
CA ASP B 104 -5.49 -25.56 -14.95
C ASP B 104 -5.80 -24.42 -13.99
N GLU B 105 -6.22 -24.78 -12.79
CA GLU B 105 -6.57 -23.81 -11.76
C GLU B 105 -5.73 -24.00 -10.51
N HIS B 106 -5.37 -22.91 -9.85
CA HIS B 106 -4.56 -22.99 -8.66
C HIS B 106 -5.41 -22.88 -7.40
N LYS B 107 -5.14 -23.73 -6.41
CA LYS B 107 -5.90 -23.69 -5.18
C LYS B 107 -5.06 -23.34 -3.96
N THR B 108 -5.64 -22.52 -3.08
CA THR B 108 -4.97 -22.08 -1.86
C THR B 108 -5.54 -22.80 -0.63
N ASP B 109 -4.73 -22.91 0.42
CA ASP B 109 -5.14 -23.54 1.67
C ASP B 109 -4.18 -23.05 2.74
N LEU B 110 -4.57 -21.99 3.43
CA LEU B 110 -3.75 -21.42 4.49
C LEU B 110 -4.26 -21.78 5.88
N ASN B 111 -4.80 -22.98 6.02
CA ASN B 111 -5.30 -23.45 7.31
C ASN B 111 -4.36 -24.49 7.90
N PRO B 112 -3.62 -24.11 8.95
CA PRO B 112 -2.66 -24.98 9.64
C PRO B 112 -3.25 -26.33 10.01
N ASP B 113 -4.45 -26.31 10.59
CA ASP B 113 -5.14 -27.51 11.02
C ASP B 113 -5.16 -28.64 10.00
N ASN B 114 -4.97 -28.31 8.73
CA ASN B 114 -5.00 -29.33 7.69
C ASN B 114 -3.65 -30.00 7.47
N LEU B 115 -2.66 -29.61 8.26
CA LEU B 115 -1.31 -30.17 8.17
C LEU B 115 -1.11 -31.25 9.24
N GLN B 116 -1.01 -32.50 8.81
CA GLN B 116 -0.84 -33.60 9.75
C GLN B 116 0.59 -33.75 10.24
N GLY B 117 0.77 -33.75 11.56
CA GLY B 117 2.09 -33.89 12.15
C GLY B 117 3.02 -32.75 11.80
N GLY B 118 4.29 -33.07 11.58
CA GLY B 118 5.27 -32.06 11.24
C GLY B 118 5.55 -31.08 12.36
N ASP B 119 5.21 -31.45 13.59
CA ASP B 119 5.45 -30.57 14.73
C ASP B 119 6.67 -30.98 15.53
N ASP B 120 7.39 -31.99 15.05
CA ASP B 120 8.58 -32.46 15.76
C ASP B 120 9.62 -33.15 14.87
N LEU B 121 10.01 -32.52 13.77
CA LEU B 121 11.02 -33.11 12.91
C LEU B 121 12.26 -33.31 13.78
N ASP B 122 12.88 -34.48 13.67
CA ASP B 122 14.07 -34.80 14.48
C ASP B 122 15.08 -33.67 14.66
N PRO B 123 15.13 -33.09 15.88
CA PRO B 123 16.02 -32.00 16.25
C PRO B 123 17.50 -32.32 16.00
N ASN B 124 17.85 -33.59 16.10
CA ASN B 124 19.24 -33.99 15.88
C ASN B 124 19.62 -33.85 14.42
N TYR B 125 18.62 -33.73 13.54
CA TYR B 125 18.89 -33.59 12.13
C TYR B 125 18.45 -32.24 11.57
N VAL B 126 17.27 -31.78 11.97
CA VAL B 126 16.75 -30.48 11.51
C VAL B 126 17.16 -29.34 12.43
N LEU B 127 18.05 -28.48 11.94
CA LEU B 127 18.55 -27.35 12.71
C LEU B 127 17.56 -26.19 12.76
N SER B 128 16.75 -26.06 11.71
CA SER B 128 15.78 -24.97 11.66
C SER B 128 14.71 -25.20 10.59
N SER B 129 13.52 -24.64 10.83
CA SER B 129 12.41 -24.76 9.90
C SER B 129 11.99 -23.36 9.43
N ARG B 130 11.69 -23.25 8.15
CA ARG B 130 11.31 -21.98 7.54
C ARG B 130 10.22 -22.12 6.49
N VAL B 131 9.32 -21.14 6.45
CA VAL B 131 8.24 -21.11 5.46
C VAL B 131 8.18 -19.70 4.89
N ARG B 132 8.30 -19.56 3.58
CA ARG B 132 8.22 -18.24 2.98
C ARG B 132 7.39 -18.21 1.72
N THR B 133 7.01 -17.00 1.33
CA THR B 133 6.24 -16.76 0.13
C THR B 133 6.50 -15.30 -0.26
N GLY B 134 5.98 -14.91 -1.42
CA GLY B 134 6.14 -13.54 -1.86
C GLY B 134 4.79 -12.99 -2.27
N ARG B 135 4.66 -11.67 -2.30
CA ARG B 135 3.43 -11.02 -2.69
C ARG B 135 3.74 -9.72 -3.44
N SER B 136 2.92 -9.39 -4.42
CA SER B 136 3.09 -8.18 -5.21
C SER B 136 1.87 -7.30 -4.98
N ILE B 137 2.08 -6.00 -4.90
CA ILE B 137 0.97 -5.06 -4.71
C ILE B 137 0.43 -4.65 -6.08
N ARG B 138 -0.84 -4.94 -6.33
CA ARG B 138 -1.44 -4.61 -7.61
C ARG B 138 -1.39 -3.13 -7.89
N GLY B 139 -1.09 -2.77 -9.14
CA GLY B 139 -1.00 -1.37 -9.51
C GLY B 139 0.43 -0.86 -9.65
N PHE B 140 1.40 -1.65 -9.19
CA PHE B 140 2.81 -1.26 -9.27
C PHE B 140 3.59 -2.25 -10.13
N CYS B 141 4.64 -1.76 -10.79
CA CYS B 141 5.48 -2.64 -11.59
C CYS B 141 6.32 -3.49 -10.65
N LEU B 142 6.74 -4.66 -11.15
CA LEU B 142 7.56 -5.57 -10.36
C LEU B 142 9.00 -5.05 -10.33
N PRO B 143 9.82 -5.55 -9.39
CA PRO B 143 11.23 -5.17 -9.20
C PRO B 143 12.13 -5.03 -10.44
N PRO B 144 11.96 -5.90 -11.45
CA PRO B 144 12.83 -5.73 -12.61
C PRO B 144 12.59 -4.40 -13.33
N HIS B 145 11.36 -3.91 -13.23
CA HIS B 145 10.95 -2.70 -13.94
C HIS B 145 10.54 -1.48 -13.12
N CYS B 146 10.17 -1.66 -11.86
CA CYS B 146 9.71 -0.55 -11.03
C CYS B 146 10.66 0.63 -10.93
N SER B 147 10.12 1.84 -11.05
CA SER B 147 10.90 3.06 -10.95
C SER B 147 11.24 3.34 -9.49
N ARG B 148 12.14 4.29 -9.25
CA ARG B 148 12.51 4.66 -7.89
C ARG B 148 11.25 5.14 -7.15
N GLY B 149 10.40 5.87 -7.87
CA GLY B 149 9.17 6.37 -7.27
C GLY B 149 8.24 5.26 -6.79
N GLU B 150 8.00 4.27 -7.65
CA GLU B 150 7.13 3.15 -7.29
C GLU B 150 7.67 2.38 -6.11
N ARG B 151 8.97 2.10 -6.15
CA ARG B 151 9.62 1.35 -5.08
C ARG B 151 9.46 2.06 -3.74
N ARG B 152 9.67 3.37 -3.73
CA ARG B 152 9.51 4.13 -2.50
C ARG B 152 8.05 4.12 -2.04
N ALA B 153 7.12 4.17 -2.99
CA ALA B 153 5.69 4.13 -2.66
C ALA B 153 5.34 2.79 -2.04
N ILE B 154 5.91 1.72 -2.61
CA ILE B 154 5.68 0.38 -2.08
C ILE B 154 6.22 0.28 -0.66
N GLU B 155 7.44 0.77 -0.45
CA GLU B 155 8.03 0.74 0.88
C GLU B 155 7.17 1.48 1.89
N LYS B 156 6.65 2.63 1.47
CA LYS B 156 5.80 3.44 2.33
C LYS B 156 4.57 2.63 2.79
N LEU B 157 3.89 1.99 1.83
CA LEU B 157 2.70 1.19 2.15
C LEU B 157 3.03 0.00 3.05
N ALA B 158 4.13 -0.70 2.74
CA ALA B 158 4.53 -1.86 3.53
C ALA B 158 4.84 -1.47 4.97
N VAL B 159 5.65 -0.42 5.14
CA VAL B 159 6.02 0.05 6.47
C VAL B 159 4.77 0.43 7.25
N GLU B 160 3.88 1.17 6.60
CA GLU B 160 2.63 1.59 7.20
C GLU B 160 1.82 0.38 7.68
N ALA B 161 1.64 -0.59 6.78
CA ALA B 161 0.88 -1.80 7.08
C ALA B 161 1.47 -2.65 8.21
N LEU B 162 2.76 -2.95 8.12
CA LEU B 162 3.44 -3.78 9.13
C LEU B 162 3.46 -3.16 10.52
N SER B 163 3.40 -1.84 10.60
CA SER B 163 3.43 -1.17 11.91
C SER B 163 2.15 -1.47 12.70
N SER B 164 1.18 -2.10 12.05
CA SER B 164 -0.08 -2.44 12.72
C SER B 164 -0.07 -3.81 13.35
N LEU B 165 0.85 -4.67 12.92
CA LEU B 165 0.95 -6.01 13.47
C LEU B 165 1.26 -5.88 14.96
N ASP B 166 0.62 -6.71 15.79
CA ASP B 166 0.86 -6.64 17.23
C ASP B 166 0.98 -8.01 17.86
N GLY B 167 1.05 -8.02 19.19
CA GLY B 167 1.19 -9.27 19.90
C GLY B 167 2.54 -9.88 19.60
N ASP B 168 2.55 -11.16 19.28
CA ASP B 168 3.79 -11.84 18.96
C ASP B 168 4.35 -11.36 17.63
N LEU B 169 3.50 -10.70 16.85
CA LEU B 169 3.91 -10.20 15.54
C LEU B 169 4.29 -8.73 15.53
N ALA B 170 4.36 -8.11 16.70
CA ALA B 170 4.74 -6.70 16.79
C ALA B 170 6.21 -6.60 16.39
N GLY B 171 6.54 -5.61 15.57
CA GLY B 171 7.92 -5.46 15.16
C GLY B 171 8.34 -4.07 14.70
N ARG B 172 9.50 -4.00 14.06
CA ARG B 172 10.03 -2.74 13.57
C ARG B 172 10.62 -2.91 12.17
N TYR B 173 10.65 -1.82 11.42
CA TYR B 173 11.21 -1.85 10.07
C TYR B 173 12.66 -1.37 10.16
N TYR B 174 13.53 -2.08 9.46
CA TYR B 174 14.95 -1.73 9.43
C TYR B 174 15.34 -1.48 7.98
N ALA B 175 15.44 -0.22 7.59
CA ALA B 175 15.81 0.15 6.23
C ALA B 175 17.28 -0.23 6.01
N LEU B 176 17.56 -0.85 4.86
CA LEU B 176 18.92 -1.27 4.54
C LEU B 176 19.91 -0.12 4.72
N LYS B 177 19.52 1.04 4.20
CA LYS B 177 20.33 2.24 4.25
C LYS B 177 20.68 2.68 5.68
N SER B 178 19.84 2.33 6.63
CA SER B 178 20.05 2.73 8.02
C SER B 178 20.91 1.79 8.88
N MET B 179 21.31 0.66 8.33
CA MET B 179 22.13 -0.25 9.12
C MET B 179 23.60 -0.21 8.73
N THR B 180 24.44 -0.47 9.71
CA THR B 180 25.88 -0.48 9.48
C THR B 180 26.23 -1.72 8.67
N GLU B 181 27.48 -1.79 8.24
CA GLU B 181 27.95 -2.93 7.45
C GLU B 181 27.91 -4.22 8.25
N ALA B 182 28.34 -4.14 9.51
CA ALA B 182 28.36 -5.31 10.38
C ALA B 182 26.94 -5.78 10.70
N GLU B 183 26.04 -4.83 10.90
CA GLU B 183 24.64 -5.15 11.21
C GLU B 183 24.02 -5.92 10.05
N GLN B 184 24.25 -5.46 8.83
CA GLN B 184 23.69 -6.12 7.65
C GLN B 184 24.28 -7.53 7.50
N GLN B 185 25.60 -7.65 7.57
CA GLN B 185 26.24 -8.95 7.42
C GLN B 185 25.83 -9.93 8.51
N GLN B 186 25.60 -9.43 9.72
CA GLN B 186 25.20 -10.28 10.82
C GLN B 186 23.84 -10.92 10.52
N LEU B 187 22.90 -10.09 10.06
CA LEU B 187 21.56 -10.56 9.72
C LEU B 187 21.59 -11.54 8.54
N ILE B 188 22.47 -11.29 7.58
CA ILE B 188 22.59 -12.16 6.42
C ILE B 188 23.17 -13.51 6.83
N ASP B 189 24.27 -13.47 7.56
CA ASP B 189 24.93 -14.70 8.00
C ASP B 189 24.03 -15.49 8.97
N ASP B 190 23.19 -14.79 9.71
CA ASP B 190 22.28 -15.47 10.63
C ASP B 190 21.06 -16.02 9.90
N HIS B 191 21.07 -15.91 8.58
CA HIS B 191 19.98 -16.44 7.74
C HIS B 191 18.68 -15.63 7.72
N PHE B 192 18.70 -14.42 8.26
CA PHE B 192 17.49 -13.60 8.31
C PHE B 192 17.26 -12.64 7.15
N LEU B 193 18.30 -11.91 6.77
CA LEU B 193 18.23 -10.91 5.72
C LEU B 193 18.73 -11.37 4.34
N PHE B 194 18.15 -10.79 3.29
CA PHE B 194 18.56 -11.11 1.93
C PHE B 194 19.99 -10.63 1.69
N ASP B 195 20.73 -11.39 0.89
CA ASP B 195 22.12 -11.07 0.60
C ASP B 195 22.26 -9.76 -0.16
N LYS B 196 23.52 -9.38 -0.40
CA LYS B 196 23.81 -8.18 -1.15
C LYS B 196 23.45 -8.55 -2.59
N PRO B 197 23.07 -7.57 -3.41
CA PRO B 197 22.69 -7.83 -4.80
C PRO B 197 23.81 -8.43 -5.66
N VAL B 198 24.09 -9.71 -5.46
CA VAL B 198 25.14 -10.40 -6.21
C VAL B 198 24.58 -11.48 -7.13
N SER B 199 23.32 -11.83 -6.93
CA SER B 199 22.69 -12.86 -7.76
C SER B 199 22.74 -12.47 -9.23
N PRO B 200 23.13 -13.42 -10.10
CA PRO B 200 23.22 -13.15 -11.54
C PRO B 200 21.84 -12.79 -12.12
N LEU B 201 20.80 -13.31 -11.49
CA LEU B 201 19.42 -13.05 -11.91
C LEU B 201 19.05 -11.64 -11.50
N LEU B 202 19.29 -11.31 -10.24
CA LEU B 202 18.97 -10.00 -9.71
C LEU B 202 19.67 -8.93 -10.55
N LEU B 203 20.93 -9.16 -10.90
CA LEU B 203 21.70 -8.19 -11.67
C LEU B 203 21.23 -8.00 -13.11
N ALA B 204 21.16 -9.09 -13.86
CA ALA B 204 20.78 -9.01 -15.26
C ALA B 204 19.32 -8.62 -15.53
N SER B 205 18.44 -8.82 -14.56
CA SER B 205 17.03 -8.49 -14.74
C SER B 205 16.71 -7.03 -14.41
N GLY B 206 17.69 -6.31 -13.86
CA GLY B 206 17.47 -4.92 -13.51
C GLY B 206 16.91 -4.73 -12.11
N MET B 207 16.88 -5.79 -11.32
CA MET B 207 16.35 -5.70 -9.97
C MET B 207 17.28 -5.07 -8.96
N ALA B 208 18.53 -4.82 -9.35
CA ALA B 208 19.49 -4.23 -8.41
C ALA B 208 19.61 -2.71 -8.53
N ARG B 209 18.84 -2.11 -9.43
CA ARG B 209 18.88 -0.66 -9.64
C ARG B 209 18.64 0.14 -8.37
N ASP B 210 19.43 1.21 -8.21
CA ASP B 210 19.30 2.13 -7.08
C ASP B 210 19.58 1.56 -5.70
N TRP B 211 20.05 0.32 -5.64
CA TRP B 211 20.34 -0.34 -4.37
C TRP B 211 21.22 0.61 -3.53
N PRO B 212 20.92 0.72 -2.22
CA PRO B 212 19.88 0.06 -1.42
C PRO B 212 18.60 0.89 -1.22
N ASP B 213 18.36 1.86 -2.10
CA ASP B 213 17.19 2.72 -1.97
C ASP B 213 15.87 1.96 -1.84
N ALA B 214 15.12 2.30 -0.80
CA ALA B 214 13.81 1.70 -0.50
C ALA B 214 13.77 0.21 -0.22
N ARG B 215 14.90 -0.38 0.12
CA ARG B 215 14.94 -1.80 0.48
C ARG B 215 15.10 -1.86 1.99
N GLY B 216 14.62 -2.93 2.59
CA GLY B 216 14.74 -3.07 4.03
C GLY B 216 14.08 -4.33 4.55
N ILE B 217 14.20 -4.55 5.85
CA ILE B 217 13.60 -5.72 6.45
C ILE B 217 12.84 -5.36 7.72
N TRP B 218 11.63 -5.93 7.83
CA TRP B 218 10.81 -5.73 9.00
C TRP B 218 10.77 -7.08 9.67
N HIS B 219 10.76 -7.11 11.00
CA HIS B 219 10.69 -8.37 11.72
C HIS B 219 10.28 -8.15 13.17
N ASN B 220 9.73 -9.21 13.78
CA ASN B 220 9.29 -9.14 15.16
C ASN B 220 10.54 -9.24 16.05
N ASP B 221 10.37 -9.02 17.34
CA ASP B 221 11.50 -9.05 18.25
C ASP B 221 12.27 -10.36 18.30
N ASN B 222 11.58 -11.48 18.13
CA ASN B 222 12.24 -12.78 18.16
C ASN B 222 12.78 -13.21 16.80
N LYS B 223 12.51 -12.40 15.78
CA LYS B 223 12.94 -12.71 14.43
C LYS B 223 12.43 -14.08 13.98
N THR B 224 11.15 -14.34 14.27
CA THR B 224 10.51 -15.59 13.89
C THR B 224 9.49 -15.32 12.78
N PHE B 225 9.26 -14.03 12.52
CA PHE B 225 8.36 -13.58 11.46
C PHE B 225 9.03 -12.34 10.88
N LEU B 226 9.38 -12.38 9.60
CA LEU B 226 10.06 -11.27 8.96
C LEU B 226 9.51 -10.98 7.58
N VAL B 227 9.65 -9.73 7.13
CA VAL B 227 9.18 -9.33 5.82
C VAL B 227 10.27 -8.55 5.10
N TRP B 228 10.70 -9.05 3.94
CA TRP B 228 11.70 -8.38 3.13
C TRP B 228 10.95 -7.41 2.23
N VAL B 229 11.40 -6.16 2.17
CA VAL B 229 10.72 -5.16 1.36
C VAL B 229 11.53 -4.73 0.14
N ASN B 230 10.95 -4.92 -1.03
CA ASN B 230 11.55 -4.54 -2.31
C ASN B 230 12.84 -5.23 -2.76
N GLU B 231 13.00 -6.51 -2.42
CA GLU B 231 14.19 -7.24 -2.87
C GLU B 231 13.78 -7.87 -4.21
N GLU B 232 13.66 -9.20 -4.28
CA GLU B 232 13.25 -9.82 -5.55
C GLU B 232 11.77 -9.62 -5.84
N ASP B 233 11.00 -9.35 -4.79
CA ASP B 233 9.56 -9.09 -4.92
C ASP B 233 9.19 -7.90 -4.03
N HIS B 234 8.00 -7.34 -4.22
CA HIS B 234 7.57 -6.23 -3.39
C HIS B 234 7.71 -6.66 -1.93
N LEU B 235 7.25 -7.88 -1.65
CA LEU B 235 7.28 -8.44 -0.31
C LEU B 235 7.63 -9.93 -0.30
N ARG B 236 8.43 -10.33 0.68
CA ARG B 236 8.77 -11.74 0.89
C ARG B 236 8.41 -11.95 2.35
N VAL B 237 7.36 -12.72 2.60
CA VAL B 237 6.89 -12.99 3.96
C VAL B 237 7.56 -14.27 4.45
N ILE B 238 8.18 -14.18 5.60
CA ILE B 238 8.94 -15.30 6.14
C ILE B 238 8.65 -15.69 7.60
N SER B 239 8.53 -16.98 7.83
CA SER B 239 8.31 -17.50 9.18
C SER B 239 9.44 -18.52 9.37
N MET B 240 10.19 -18.39 10.45
CA MET B 240 11.30 -19.31 10.71
C MET B 240 11.72 -19.38 12.17
N GLN B 241 12.35 -20.49 12.55
CA GLN B 241 12.83 -20.68 13.92
C GLN B 241 13.74 -21.91 13.96
N LYS B 242 14.52 -22.02 15.02
CA LYS B 242 15.41 -23.16 15.19
C LYS B 242 14.59 -24.39 15.53
N GLY B 243 15.10 -25.57 15.19
CA GLY B 243 14.38 -26.78 15.49
C GLY B 243 13.55 -27.29 14.33
N GLY B 244 12.80 -28.36 14.58
CA GLY B 244 11.98 -28.95 13.52
C GLY B 244 10.49 -28.91 13.74
N ASN B 245 9.98 -27.89 14.41
CA ASN B 245 8.55 -27.78 14.62
C ASN B 245 7.94 -27.00 13.45
N MET B 246 7.91 -27.65 12.28
CA MET B 246 7.37 -27.04 11.07
C MET B 246 5.93 -26.58 11.25
N LYS B 247 5.14 -27.37 11.98
CA LYS B 247 3.74 -27.03 12.20
C LYS B 247 3.60 -25.67 12.85
N GLU B 248 4.41 -25.40 13.86
CA GLU B 248 4.37 -24.12 14.53
C GLU B 248 4.77 -23.00 13.59
N VAL B 249 5.85 -23.22 12.84
CA VAL B 249 6.33 -22.23 11.88
C VAL B 249 5.22 -21.87 10.89
N PHE B 250 4.58 -22.91 10.34
CA PHE B 250 3.52 -22.71 9.36
C PHE B 250 2.29 -22.01 9.94
N THR B 251 1.95 -22.31 11.20
CA THR B 251 0.80 -21.68 11.83
C THR B 251 1.05 -20.18 11.93
N ARG B 252 2.24 -19.81 12.41
CA ARG B 252 2.60 -18.41 12.55
C ARG B 252 2.59 -17.73 11.19
N PHE B 253 3.07 -18.46 10.18
CA PHE B 253 3.11 -17.98 8.79
C PHE B 253 1.72 -17.57 8.31
N CYS B 254 0.78 -18.51 8.36
CA CYS B 254 -0.59 -18.26 7.92
C CYS B 254 -1.24 -17.11 8.66
N THR B 255 -1.06 -17.07 9.97
CA THR B 255 -1.63 -16.01 10.79
C THR B 255 -1.14 -14.64 10.35
N GLY B 256 0.19 -14.48 10.30
CA GLY B 256 0.77 -13.22 9.90
C GLY B 256 0.44 -12.83 8.47
N LEU B 257 0.44 -13.81 7.58
CA LEU B 257 0.13 -13.57 6.18
C LEU B 257 -1.30 -13.05 6.02
N THR B 258 -2.24 -13.65 6.75
CA THR B 258 -3.63 -13.22 6.67
C THR B 258 -3.81 -11.83 7.25
N GLN B 259 -3.13 -11.55 8.36
CA GLN B 259 -3.22 -10.23 8.99
C GLN B 259 -2.63 -9.16 8.06
N ILE B 260 -1.54 -9.51 7.38
CA ILE B 260 -0.92 -8.56 6.46
C ILE B 260 -1.85 -8.22 5.30
N GLU B 261 -2.46 -9.23 4.69
CA GLU B 261 -3.37 -8.96 3.57
C GLU B 261 -4.52 -8.09 4.05
N THR B 262 -5.02 -8.39 5.24
CA THR B 262 -6.10 -7.64 5.86
C THR B 262 -5.73 -6.17 5.96
N LEU B 263 -4.54 -5.92 6.49
CA LEU B 263 -4.05 -4.55 6.64
C LEU B 263 -3.98 -3.84 5.29
N PHE B 264 -3.47 -4.52 4.28
CA PHE B 264 -3.39 -3.92 2.95
C PHE B 264 -4.77 -3.62 2.40
N LYS B 265 -5.70 -4.55 2.58
CA LYS B 265 -7.07 -4.35 2.10
C LYS B 265 -7.73 -3.14 2.76
N SER B 266 -7.39 -2.89 4.02
CA SER B 266 -7.98 -1.75 4.74
C SER B 266 -7.63 -0.46 4.02
N LYS B 267 -6.45 -0.43 3.40
CA LYS B 267 -6.00 0.74 2.68
C LYS B 267 -6.38 0.67 1.20
N ASP B 268 -7.25 -0.29 0.88
CA ASP B 268 -7.73 -0.47 -0.49
C ASP B 268 -6.65 -0.89 -1.49
N TYR B 269 -5.74 -1.75 -1.04
CA TYR B 269 -4.68 -2.26 -1.90
C TYR B 269 -4.89 -3.77 -1.92
N GLU B 270 -4.59 -4.40 -3.05
CA GLU B 270 -4.73 -5.84 -3.15
C GLU B 270 -3.49 -6.48 -3.76
N PHE B 271 -3.28 -7.75 -3.46
CA PHE B 271 -2.14 -8.46 -3.99
C PHE B 271 -2.49 -8.91 -5.39
N MET B 272 -1.48 -9.03 -6.25
CA MET B 272 -1.71 -9.49 -7.61
C MET B 272 -2.07 -10.96 -7.47
N TRP B 273 -3.18 -11.35 -8.07
CA TRP B 273 -3.65 -12.73 -7.98
C TRP B 273 -4.75 -12.98 -9.01
N ASN B 274 -4.80 -14.21 -9.52
CA ASN B 274 -5.85 -14.63 -10.43
C ASN B 274 -5.98 -16.12 -10.23
N PRO B 275 -7.16 -16.69 -10.56
CA PRO B 275 -7.46 -18.12 -10.40
C PRO B 275 -6.53 -19.10 -11.10
N HIS B 276 -5.87 -18.64 -12.17
CA HIS B 276 -4.98 -19.52 -12.91
C HIS B 276 -3.54 -19.57 -12.41
N LEU B 277 -2.94 -18.40 -12.20
CA LEU B 277 -1.55 -18.33 -11.74
C LEU B 277 -1.40 -18.15 -10.23
N GLY B 278 -2.50 -18.06 -9.51
CA GLY B 278 -2.40 -17.85 -8.08
C GLY B 278 -1.78 -16.48 -7.85
N TYR B 279 -0.90 -16.36 -6.87
CA TYR B 279 -0.27 -15.08 -6.60
C TYR B 279 0.84 -14.78 -7.62
N ILE B 280 0.80 -13.57 -8.16
CA ILE B 280 1.76 -13.16 -9.18
C ILE B 280 3.05 -12.60 -8.58
N LEU B 281 4.18 -13.13 -9.06
CA LEU B 281 5.50 -12.71 -8.60
C LEU B 281 6.44 -12.52 -9.78
N THR B 282 7.60 -11.93 -9.53
CA THR B 282 8.57 -11.65 -10.57
C THR B 282 9.03 -12.87 -11.37
N CYS B 283 9.42 -13.93 -10.66
CA CYS B 283 9.89 -15.15 -11.30
C CYS B 283 8.79 -16.19 -11.45
N PRO B 284 8.59 -16.69 -12.69
CA PRO B 284 7.58 -17.70 -12.98
C PRO B 284 7.65 -18.90 -12.03
N SER B 285 8.84 -19.17 -11.50
CA SER B 285 9.00 -20.31 -10.60
C SER B 285 8.32 -20.08 -9.25
N ASN B 286 8.01 -18.83 -8.93
CA ASN B 286 7.37 -18.50 -7.67
C ASN B 286 5.88 -18.21 -7.73
N LEU B 287 5.22 -18.63 -8.81
CA LEU B 287 3.78 -18.40 -8.97
C LEU B 287 2.94 -19.33 -8.10
N GLY B 288 1.63 -19.14 -8.14
CA GLY B 288 0.72 -19.97 -7.35
C GLY B 288 0.77 -19.62 -5.88
N THR B 289 1.45 -20.45 -5.10
CA THR B 289 1.58 -20.20 -3.67
C THR B 289 2.83 -19.38 -3.40
N GLY B 290 3.79 -19.46 -4.32
CA GLY B 290 5.05 -18.76 -4.15
C GLY B 290 5.66 -19.22 -2.84
N LEU B 291 5.19 -20.39 -2.38
CA LEU B 291 5.65 -20.93 -1.11
C LEU B 291 6.84 -21.88 -1.15
N ARG B 292 7.81 -21.61 -0.28
CA ARG B 292 8.97 -22.46 -0.16
C ARG B 292 9.13 -22.79 1.31
N ALA B 293 8.74 -24.00 1.68
CA ALA B 293 8.86 -24.47 3.06
C ALA B 293 10.01 -25.46 3.10
N GLY B 294 10.85 -25.34 4.10
CA GLY B 294 11.97 -26.25 4.17
C GLY B 294 12.75 -26.21 5.45
N VAL B 295 13.83 -26.98 5.50
CA VAL B 295 14.65 -27.04 6.69
C VAL B 295 16.13 -27.09 6.37
N HIS B 296 16.94 -26.71 7.34
CA HIS B 296 18.37 -26.81 7.19
C HIS B 296 18.57 -28.17 7.84
N ILE B 297 18.94 -29.14 7.01
CA ILE B 297 19.10 -30.50 7.49
C ILE B 297 20.53 -31.02 7.33
N LYS B 298 21.03 -31.66 8.38
CA LYS B 298 22.39 -32.22 8.35
C LYS B 298 22.39 -33.64 7.82
N LEU B 299 22.89 -33.81 6.60
CA LEU B 299 22.95 -35.12 5.96
C LEU B 299 24.29 -35.27 5.26
N PRO B 300 25.39 -35.33 6.04
CA PRO B 300 26.72 -35.48 5.47
C PRO B 300 26.94 -36.71 4.58
N ASN B 301 26.19 -37.77 4.81
CA ASN B 301 26.35 -38.97 3.98
C ASN B 301 25.36 -39.02 2.83
N LEU B 302 24.12 -38.61 3.08
CA LEU B 302 23.09 -38.60 2.06
C LEU B 302 23.52 -37.66 0.94
N GLY B 303 24.03 -36.50 1.33
CA GLY B 303 24.47 -35.52 0.35
C GLY B 303 25.59 -36.07 -0.51
N LYS B 304 26.10 -37.24 -0.11
CA LYS B 304 27.18 -37.89 -0.84
C LYS B 304 26.68 -39.21 -1.44
N HIS B 305 25.69 -39.82 -0.78
CA HIS B 305 25.12 -41.08 -1.24
C HIS B 305 24.64 -41.01 -2.68
N GLU B 306 24.42 -42.18 -3.28
CA GLU B 306 23.96 -42.28 -4.66
C GLU B 306 22.51 -41.85 -4.83
N LYS B 307 22.17 -41.46 -6.05
CA LYS B 307 20.81 -41.05 -6.40
C LYS B 307 20.10 -40.21 -5.34
N PHE B 308 20.85 -39.38 -4.62
CA PHE B 308 20.24 -38.50 -3.63
C PHE B 308 19.41 -37.50 -4.40
N SER B 309 19.95 -37.08 -5.55
CA SER B 309 19.29 -36.13 -6.43
C SER B 309 17.97 -36.70 -6.94
N GLU B 310 17.89 -38.03 -6.97
CA GLU B 310 16.68 -38.71 -7.42
C GLU B 310 15.67 -38.85 -6.31
N VAL B 311 16.13 -39.08 -5.08
CA VAL B 311 15.22 -39.21 -3.96
C VAL B 311 14.48 -37.90 -3.76
N LEU B 312 15.20 -36.79 -3.97
CA LEU B 312 14.62 -35.46 -3.83
C LEU B 312 13.67 -35.19 -4.98
N LYS B 313 14.01 -35.70 -6.16
CA LYS B 313 13.17 -35.52 -7.34
C LYS B 313 11.87 -36.30 -7.15
N ARG B 314 11.98 -37.49 -6.58
CA ARG B 314 10.82 -38.34 -6.34
C ARG B 314 9.84 -37.66 -5.40
N LEU B 315 10.38 -36.90 -4.44
CA LEU B 315 9.55 -36.21 -3.47
C LEU B 315 9.32 -34.74 -3.83
N ARG B 316 9.53 -34.40 -5.09
CA ARG B 316 9.31 -33.02 -5.54
C ARG B 316 10.03 -32.02 -4.64
N LEU B 317 11.22 -32.40 -4.20
CA LEU B 317 12.01 -31.54 -3.32
C LEU B 317 13.23 -30.97 -4.04
N GLN B 318 13.76 -29.89 -3.48
CA GLN B 318 14.93 -29.24 -4.05
C GLN B 318 15.96 -29.04 -2.95
N LYS B 319 17.24 -28.99 -3.33
CA LYS B 319 18.30 -28.78 -2.35
C LYS B 319 19.05 -27.51 -2.68
N ARG B 320 19.47 -26.80 -1.64
CA ARG B 320 20.21 -25.55 -1.78
C ARG B 320 21.32 -25.52 -0.74
N GLY B 321 22.27 -24.61 -0.92
CA GLY B 321 23.36 -24.48 0.02
C GLY B 321 22.86 -23.90 1.33
N THR B 322 23.73 -23.88 2.33
CA THR B 322 23.39 -23.36 3.65
C THR B 322 23.13 -21.86 3.58
N GLY B 323 23.80 -21.18 2.66
CA GLY B 323 23.61 -19.75 2.50
C GLY B 323 22.56 -19.42 1.46
N GLY B 324 21.85 -20.43 0.99
CA GLY B 324 20.83 -20.20 0.00
C GLY B 324 21.09 -20.78 -1.38
N VAL B 325 20.19 -20.47 -2.31
CA VAL B 325 20.26 -20.94 -3.68
C VAL B 325 21.59 -20.68 -4.40
N ASP B 326 22.23 -19.56 -4.10
CA ASP B 326 23.49 -19.20 -4.74
C ASP B 326 24.72 -19.65 -3.96
N THR B 327 24.54 -20.60 -3.05
CA THR B 327 25.65 -21.10 -2.25
C THR B 327 25.65 -22.62 -2.19
N ALA B 328 26.78 -23.19 -1.79
CA ALA B 328 26.90 -24.63 -1.69
C ALA B 328 26.64 -25.02 -0.24
N ALA B 329 26.43 -26.30 0.01
CA ALA B 329 26.19 -26.79 1.36
C ALA B 329 27.53 -26.86 2.08
N VAL B 330 27.57 -26.35 3.30
CA VAL B 330 28.80 -26.38 4.08
C VAL B 330 28.55 -27.13 5.38
N GLY B 331 29.52 -27.94 5.80
CA GLY B 331 29.37 -28.70 7.02
C GLY B 331 28.28 -29.75 6.91
N GLY B 332 27.95 -30.15 5.69
CA GLY B 332 26.92 -31.15 5.49
C GLY B 332 25.50 -30.69 5.73
N VAL B 333 25.31 -29.39 5.92
CA VAL B 333 23.97 -28.85 6.16
C VAL B 333 23.32 -28.43 4.85
N PHE B 334 22.27 -29.15 4.47
CA PHE B 334 21.54 -28.87 3.23
C PHE B 334 20.23 -28.12 3.45
N ASP B 335 19.87 -27.29 2.48
CA ASP B 335 18.61 -26.56 2.52
C ASP B 335 17.68 -27.43 1.68
N VAL B 336 16.73 -28.10 2.32
CA VAL B 336 15.78 -28.96 1.61
C VAL B 336 14.35 -28.41 1.71
N SER B 337 13.74 -28.19 0.55
CA SER B 337 12.39 -27.65 0.50
C SER B 337 11.59 -28.16 -0.69
N ASN B 338 10.29 -27.84 -0.72
CA ASN B 338 9.43 -28.25 -1.83
C ASN B 338 9.86 -27.51 -3.09
N ALA B 339 9.98 -28.24 -4.20
CA ALA B 339 10.40 -27.65 -5.45
C ALA B 339 9.26 -27.00 -6.23
N ASP B 340 8.04 -27.50 -6.00
CA ASP B 340 6.85 -27.00 -6.67
C ASP B 340 6.11 -25.91 -5.88
N ARG B 341 5.41 -25.04 -6.59
CA ARG B 341 4.69 -23.95 -5.95
C ARG B 341 3.32 -23.67 -6.58
N LEU B 342 3.13 -24.15 -7.80
CA LEU B 342 1.86 -23.94 -8.51
C LEU B 342 1.22 -25.29 -8.80
N GLY B 343 -0.08 -25.40 -8.52
CA GLY B 343 -0.78 -26.66 -8.76
C GLY B 343 -1.00 -27.45 -7.48
N PHE B 344 -0.49 -26.91 -6.37
CA PHE B 344 -0.65 -27.54 -5.07
C PHE B 344 -0.98 -26.43 -4.07
N SER B 345 -1.69 -26.77 -3.00
CA SER B 345 -2.04 -25.78 -1.99
C SER B 345 -0.89 -25.62 -1.01
N GLU B 346 -0.89 -24.53 -0.26
CA GLU B 346 0.16 -24.29 0.70
C GLU B 346 0.26 -25.46 1.67
N VAL B 347 -0.89 -25.99 2.10
CA VAL B 347 -0.93 -27.12 3.02
C VAL B 347 -0.31 -28.38 2.41
N GLU B 348 -0.69 -28.69 1.17
CA GLU B 348 -0.15 -29.87 0.49
C GLU B 348 1.36 -29.76 0.33
N LEU B 349 1.83 -28.53 0.11
CA LEU B 349 3.26 -28.28 -0.07
C LEU B 349 4.03 -28.55 1.22
N VAL B 350 3.56 -27.96 2.32
CA VAL B 350 4.23 -28.16 3.60
C VAL B 350 4.19 -29.64 3.99
N GLN B 351 3.07 -30.30 3.68
CA GLN B 351 2.92 -31.71 3.99
C GLN B 351 3.99 -32.54 3.27
N MET B 352 4.30 -32.15 2.03
CA MET B 352 5.30 -32.87 1.24
C MET B 352 6.71 -32.70 1.83
N VAL B 353 6.95 -31.54 2.43
CA VAL B 353 8.26 -31.29 3.03
C VAL B 353 8.37 -32.13 4.29
N VAL B 354 7.33 -32.11 5.12
CA VAL B 354 7.32 -32.88 6.35
C VAL B 354 7.56 -34.36 6.08
N ASP B 355 6.73 -34.94 5.21
CA ASP B 355 6.85 -36.34 4.88
C ASP B 355 8.17 -36.65 4.19
N GLY B 356 8.61 -35.74 3.33
CA GLY B 356 9.86 -35.93 2.62
C GLY B 356 11.06 -35.94 3.55
N VAL B 357 11.07 -35.00 4.50
CA VAL B 357 12.16 -34.90 5.45
C VAL B 357 12.28 -36.18 6.25
N LYS B 358 11.18 -36.61 6.86
CA LYS B 358 11.18 -37.85 7.65
C LYS B 358 11.87 -38.97 6.89
N LEU B 359 11.53 -39.12 5.61
CA LEU B 359 12.14 -40.16 4.79
C LEU B 359 13.64 -39.89 4.73
N LEU B 360 14.02 -38.70 4.26
CA LEU B 360 15.42 -38.33 4.16
C LEU B 360 16.18 -38.72 5.43
N ILE B 361 15.54 -38.53 6.58
CA ILE B 361 16.16 -38.87 7.86
C ILE B 361 16.36 -40.37 7.96
N GLU B 362 15.31 -41.13 7.68
CA GLU B 362 15.40 -42.59 7.73
C GLU B 362 16.49 -43.04 6.78
N MET B 363 16.48 -42.50 5.57
CA MET B 363 17.49 -42.82 4.56
C MET B 363 18.84 -42.34 5.09
N GLU B 364 18.80 -41.39 6.01
CA GLU B 364 20.02 -40.85 6.61
C GLU B 364 20.56 -41.81 7.67
N GLN B 365 19.67 -42.60 8.26
CA GLN B 365 20.03 -43.55 9.28
C GLN B 365 20.29 -44.94 8.72
N ARG B 366 20.51 -45.02 7.41
CA ARG B 366 20.73 -46.31 6.77
C ARG B 366 22.20 -46.74 6.70
N LEU B 367 23.01 -46.32 7.66
CA LEU B 367 24.42 -46.70 7.65
C LEU B 367 25.09 -46.76 9.02
N GLU B 368 24.86 -45.74 9.84
CA GLU B 368 25.46 -45.67 11.16
C GLU B 368 25.04 -46.84 12.05
N GLN B 369 23.88 -47.41 11.79
CA GLN B 369 23.40 -48.51 12.60
C GLN B 369 23.63 -49.86 11.90
N GLY B 370 22.94 -50.10 10.79
CA GLY B 370 23.11 -51.35 10.09
C GLY B 370 22.02 -51.60 9.06
N GLN B 371 22.15 -50.95 7.91
CA GLN B 371 21.17 -51.09 6.84
C GLN B 371 21.70 -50.41 5.59
N ALA B 372 20.93 -50.50 4.51
CA ALA B 372 21.31 -49.88 3.24
C ALA B 372 20.39 -50.37 2.13
N ILE B 373 19.93 -49.44 1.29
CA ILE B 373 19.03 -49.78 0.19
C ILE B 373 19.71 -50.72 -0.82
N ASP B 374 19.01 -51.76 -1.25
CA ASP B 374 19.57 -52.71 -2.20
C ASP B 374 18.56 -53.77 -2.67
N ASP B 375 17.75 -54.25 -1.73
CA ASP B 375 16.74 -55.27 -2.03
C ASP B 375 15.47 -54.66 -2.64
N LEU B 376 14.42 -54.51 -1.82
CA LEU B 376 13.15 -53.94 -2.27
C LEU B 376 13.39 -52.50 -2.75
N MET B 377 13.45 -52.31 -4.06
CA MET B 377 13.66 -50.99 -4.61
C MET B 377 12.90 -50.80 -5.92
N PRO B 378 13.21 -51.61 -6.95
CA PRO B 378 12.51 -51.46 -8.23
C PRO B 378 11.05 -51.93 -8.18
N ALA B 379 10.59 -52.55 -9.27
CA ALA B 379 9.22 -53.03 -9.37
C ALA B 379 8.19 -51.89 -9.52
N GLN B 380 8.64 -50.75 -10.04
CA GLN B 380 7.78 -49.58 -10.26
C GLN B 380 6.34 -49.97 -10.63
N LYS B 381 5.40 -49.42 -9.86
CA LYS B 381 3.98 -49.69 -10.06
C LYS B 381 3.14 -48.41 -9.97
MG MG C . 16.10 -15.00 -2.14
PB ADP D . 14.31 -17.82 -1.23
O1B ADP D . 14.42 -16.36 -1.04
O2B ADP D . 12.79 -17.37 -1.21
O3B ADP D . 13.78 -18.91 -0.17
PA ADP D . 16.85 -18.34 -0.75
O1A ADP D . 17.83 -17.38 -1.27
O2A ADP D . 17.28 -19.81 -0.29
O3A ADP D . 15.47 -17.70 -0.16
O5' ADP D . 17.21 -17.82 0.75
C5' ADP D . 18.51 -18.13 1.19
C4' ADP D . 18.62 -17.55 2.59
O4' ADP D . 17.53 -17.96 3.44
C3' ADP D . 19.95 -17.99 3.16
O3' ADP D . 20.80 -16.87 3.41
C2' ADP D . 19.60 -18.76 4.43
O2' ADP D . 20.26 -18.17 5.53
C1' ADP D . 18.05 -18.67 4.59
N9 ADP D . 17.35 -19.95 4.77
C8 ADP D . 16.76 -20.70 3.79
N7 ADP D . 16.23 -21.78 4.29
C5 ADP D . 16.43 -21.78 5.63
C6 ADP D . 16.10 -22.66 6.71
N6 ADP D . 15.38 -23.82 6.47
N1 ADP D . 16.49 -22.33 7.96
C2 ADP D . 17.18 -21.21 8.22
N3 ADP D . 17.52 -20.36 7.24
C4 ADP D . 17.17 -20.60 5.95
#